data_4OUU
#
_entry.id   4OUU
#
_cell.length_a   66.140
_cell.length_b   52.6
_cell.length_c   127.500
_cell.angle_alpha   90.00
_cell.angle_beta   103.68
_cell.angle_gamma   90.00
#
_symmetry.space_group_name_H-M   'P 1 2 1'
#
loop_
_entity.id
_entity.type
_entity.pdbx_description
1 polymer 'anti_MT1-MMP Heavy chain'
2 polymer 'anti_MT1-MMP light chain'
#
loop_
_entity_poly.entity_id
_entity_poly.type
_entity_poly.pdbx_seq_one_letter_code
_entity_poly.pdbx_strand_id
1 'polypeptide(L)'
;EVKLVESGGGLVKPGGSLKLSCAASGFIFSNYAMSWVRQTPEKRLEWVATISGGGRNIYSLDSVKGRFTFFRDNARNTLY
LQMSSLRSEDTAMYFCSRENYGSSFTYWGQGTLVTVSSAKTTPPSVYPLAPGSAAQTNSMVTLGCLVKGYFPEPVTVTWN
SGSLSSGVHTFPAVLQSDLYTLSSSVTVPSSTWPSETVTCNVAHPASSTKVDKKIVPRDCAAALEHHHHHH
;
H,B
2 'polypeptide(L)'
;DVLMTQTPLSLPVGLGDQASISCRSSQSIVHSNGNTYLEWYLQKPGQSPKLLIYKVSNRFSGVPDRFSGSGSGTDFTLKI
SRVEAEDLGVYYCFQGSHAPYTFGGGTKLEIKRADAAPTVSIFPPSSEQLTSGGASVVCFLNNFYPKDINVKWKIDGSER
QNGVLNSWTDQDSKDSTYSMSSTLTLTKDEYERHNSYTCEATHKTSTSPIVKSFNRNEC
;
L,A
#
# COMPACT_ATOMS: atom_id res chain seq x y z
N VAL A 2 -7.34 9.53 16.98
CA VAL A 2 -6.87 8.15 16.63
C VAL A 2 -6.69 7.30 17.90
N LYS A 3 -7.55 6.31 18.06
CA LYS A 3 -7.47 5.36 19.17
C LYS A 3 -7.13 3.99 18.52
N LEU A 4 -6.22 3.26 19.15
CA LEU A 4 -5.89 1.87 18.78
C LEU A 4 -5.79 1.07 20.05
N VAL A 5 -6.48 -0.07 20.10
CA VAL A 5 -6.56 -0.88 21.31
C VAL A 5 -6.42 -2.38 20.97
N GLU A 6 -5.35 -2.99 21.44
CA GLU A 6 -5.02 -4.38 21.17
C GLU A 6 -5.62 -5.28 22.23
N SER A 7 -5.96 -6.51 21.87
CA SER A 7 -6.42 -7.52 22.84
C SER A 7 -6.12 -8.98 22.42
N GLY A 8 -6.39 -9.89 23.34
CA GLY A 8 -6.33 -11.31 23.07
C GLY A 8 -5.08 -11.97 23.60
N GLY A 9 -4.22 -11.17 24.24
CA GLY A 9 -2.98 -11.68 24.79
C GLY A 9 -3.22 -12.54 26.00
N GLY A 10 -2.24 -13.38 26.32
CA GLY A 10 -2.34 -14.28 27.42
C GLY A 10 -1.28 -15.37 27.33
N LEU A 11 -1.45 -16.41 28.12
CA LEU A 11 -0.48 -17.45 28.23
C LEU A 11 -0.84 -18.55 27.25
N VAL A 12 0.14 -19.14 26.57
CA VAL A 12 -0.13 -20.29 25.71
C VAL A 12 1.06 -21.21 25.69
N LYS A 13 0.81 -22.50 25.55
CA LYS A 13 1.90 -23.49 25.62
C LYS A 13 2.69 -23.49 24.30
N PRO A 14 3.98 -23.85 24.34
CA PRO A 14 4.78 -23.98 23.09
C PRO A 14 4.12 -24.93 22.13
N GLY A 15 4.14 -24.58 20.83
CA GLY A 15 3.33 -25.26 19.81
C GLY A 15 1.95 -24.67 19.55
N GLY A 16 1.40 -23.97 20.56
CA GLY A 16 -0.01 -23.53 20.53
C GLY A 16 -0.33 -22.34 19.65
N SER A 17 -1.58 -21.89 19.76
CA SER A 17 -2.12 -20.83 18.92
C SER A 17 -2.81 -19.74 19.74
N LEU A 18 -2.79 -18.53 19.19
CA LEU A 18 -3.41 -17.40 19.83
C LEU A 18 -3.81 -16.42 18.74
N LYS A 19 -4.97 -15.78 18.91
CA LYS A 19 -5.42 -14.69 18.02
C LYS A 19 -5.45 -13.31 18.68
N LEU A 20 -4.76 -12.33 18.11
CA LEU A 20 -4.78 -10.97 18.59
C LEU A 20 -5.65 -10.08 17.72
N SER A 21 -6.22 -9.06 18.36
CA SER A 21 -7.09 -8.11 17.72
C SER A 21 -6.60 -6.70 17.96
N CYS A 22 -6.86 -5.86 17.00
CA CYS A 22 -6.63 -4.48 17.21
C CYS A 22 -7.84 -3.73 16.65
N ALA A 23 -8.45 -2.92 17.50
CA ALA A 23 -9.64 -2.15 17.14
C ALA A 23 -9.22 -0.73 16.96
N ALA A 24 -9.57 -0.15 15.83
CA ALA A 24 -9.30 1.25 15.58
C ALA A 24 -10.57 2.10 15.51
N SER A 25 -10.41 3.36 15.86
CA SER A 25 -11.39 4.37 15.66
C SER A 25 -10.69 5.71 15.43
N GLY A 26 -11.45 6.69 14.95
CA GLY A 26 -10.98 8.05 14.83
C GLY A 26 -10.50 8.34 13.44
N PHE A 27 -10.67 7.42 12.49
CA PHE A 27 -10.18 7.65 11.12
C PHE A 27 -10.74 6.67 10.09
N ILE A 28 -10.65 7.03 8.82
CA ILE A 28 -11.12 6.14 7.78
C ILE A 28 -10.11 5.04 7.75
N PHE A 29 -10.53 3.87 8.21
CA PHE A 29 -9.61 2.82 8.58
C PHE A 29 -8.95 2.25 7.34
N SER A 30 -9.70 2.05 6.26
CA SER A 30 -9.13 1.46 5.05
C SER A 30 -8.09 2.33 4.30
N ASN A 31 -7.95 3.60 4.64
CA ASN A 31 -6.96 4.47 3.98
C ASN A 31 -5.50 4.31 4.47
N TYR A 32 -5.27 3.68 5.61
CA TYR A 32 -3.94 3.64 6.20
C TYR A 32 -3.44 2.22 6.34
N ALA A 33 -2.16 2.01 6.04
CA ALA A 33 -1.51 0.75 6.34
C ALA A 33 -1.37 0.64 7.84
N MET A 34 -1.47 -0.58 8.38
CA MET A 34 -1.25 -0.90 9.78
C MET A 34 -0.05 -1.86 9.98
N SER A 35 0.55 -1.84 11.17
CA SER A 35 1.66 -2.69 11.49
C SER A 35 1.64 -3.29 12.89
N TRP A 36 2.23 -4.49 13.01
CA TRP A 36 2.42 -5.14 14.30
C TRP A 36 3.86 -5.07 14.61
N VAL A 37 4.18 -4.75 15.85
CA VAL A 37 5.55 -4.54 16.29
C VAL A 37 5.61 -5.07 17.70
N ARG A 38 6.68 -5.77 18.05
CA ARG A 38 6.75 -6.39 19.36
C ARG A 38 7.98 -6.01 20.15
N GLN A 39 7.87 -6.13 21.46
CA GLN A 39 8.96 -5.80 22.37
C GLN A 39 9.24 -6.97 23.29
N THR A 40 10.46 -7.47 23.27
CA THR A 40 10.78 -8.67 24.06
C THR A 40 10.98 -8.23 25.48
N PRO A 41 11.10 -9.18 26.41
CA PRO A 41 11.33 -8.78 27.80
C PRO A 41 12.66 -8.05 28.05
N GLU A 42 13.68 -8.27 27.24
CA GLU A 42 14.92 -7.44 27.24
C GLU A 42 14.72 -6.07 26.57
N LYS A 43 13.47 -5.76 26.23
CA LYS A 43 13.12 -4.44 25.71
C LYS A 43 13.61 -4.13 24.28
N ARG A 44 14.08 -5.14 23.53
CA ARG A 44 14.37 -4.94 22.11
C ARG A 44 13.02 -4.84 21.38
N LEU A 45 12.95 -4.02 20.36
CA LEU A 45 11.79 -3.88 19.53
C LEU A 45 12.05 -4.62 18.23
N GLU A 46 11.04 -5.28 17.70
CA GLU A 46 11.18 -5.99 16.44
C GLU A 46 9.89 -5.77 15.62
N TRP A 47 10.04 -5.35 14.38
CA TRP A 47 8.97 -5.30 13.44
C TRP A 47 8.57 -6.71 13.11
N VAL A 48 7.26 -6.95 13.03
CA VAL A 48 6.72 -8.29 12.69
C VAL A 48 6.06 -8.29 11.31
N ALA A 49 5.12 -7.38 11.10
CA ALA A 49 4.49 -7.24 9.81
C ALA A 49 3.77 -5.91 9.59
N THR A 50 3.47 -5.68 8.33
CA THR A 50 2.73 -4.52 7.85
C THR A 50 1.79 -4.97 6.74
N ILE A 51 0.59 -4.40 6.75
CA ILE A 51 -0.45 -4.76 5.84
C ILE A 51 -1.09 -3.49 5.26
N SER A 52 -1.30 -3.49 3.95
CA SER A 52 -1.75 -2.30 3.24
C SER A 52 -3.21 -2.07 3.52
N GLY A 53 -3.65 -0.84 3.28
CA GLY A 53 -5.04 -0.39 3.54
C GLY A 53 -6.12 -1.30 3.05
N GLY A 54 -6.04 -1.64 1.76
CA GLY A 54 -6.92 -2.63 1.15
C GLY A 54 -6.60 -4.06 1.49
N GLY A 55 -5.44 -4.33 2.08
CA GLY A 55 -5.15 -5.69 2.53
C GLY A 55 -4.54 -6.65 1.49
N ARG A 56 -4.20 -6.17 0.31
CA ARG A 56 -3.65 -7.05 -0.71
C ARG A 56 -2.18 -7.32 -0.53
N ASN A 57 -1.43 -6.31 -0.06
CA ASN A 57 -0.01 -6.40 0.16
C ASN A 57 0.30 -6.54 1.64
N ILE A 58 1.08 -7.57 1.96
CA ILE A 58 1.43 -7.97 3.32
C ILE A 58 2.89 -8.30 3.32
N TYR A 59 3.68 -7.59 4.12
CA TYR A 59 5.12 -7.85 4.25
C TYR A 59 5.38 -8.28 5.73
N SER A 60 6.21 -9.30 5.96
CA SER A 60 6.44 -9.78 7.33
C SER A 60 7.85 -10.29 7.51
N LEU A 61 8.25 -10.50 8.77
CA LEU A 61 9.55 -11.08 9.09
C LEU A 61 9.60 -12.48 8.55
N ASP A 62 10.78 -12.98 8.19
CA ASP A 62 10.88 -14.34 7.63
C ASP A 62 10.64 -15.45 8.64
N SER A 63 11.19 -15.32 9.83
CA SER A 63 10.94 -16.26 10.93
C SER A 63 9.48 -16.43 11.39
N VAL A 64 8.53 -15.63 10.88
CA VAL A 64 7.12 -15.84 11.20
C VAL A 64 6.31 -16.31 9.99
N LYS A 65 6.94 -16.43 8.83
CA LYS A 65 6.27 -17.02 7.65
C LYS A 65 5.88 -18.49 7.88
N GLY A 66 4.67 -18.86 7.48
CA GLY A 66 4.14 -20.20 7.75
C GLY A 66 3.46 -20.35 9.11
N ARG A 67 3.73 -19.44 10.05
CA ARG A 67 3.17 -19.53 11.41
C ARG A 67 2.19 -18.41 11.72
N PHE A 68 2.52 -17.18 11.34
CA PHE A 68 1.64 -16.06 11.70
C PHE A 68 0.83 -15.68 10.48
N THR A 69 -0.41 -15.32 10.67
CA THR A 69 -1.24 -14.90 9.58
C THR A 69 -1.84 -13.55 9.94
N PHE A 70 -1.98 -12.67 8.95
CA PHE A 70 -2.45 -11.31 9.16
C PHE A 70 -3.55 -11.00 8.20
N PHE A 71 -4.60 -10.39 8.73
CA PHE A 71 -5.71 -9.94 7.90
C PHE A 71 -6.43 -8.78 8.60
N ARG A 72 -7.38 -8.16 7.91
CA ARG A 72 -8.14 -7.07 8.49
C ARG A 72 -9.52 -7.01 7.91
N ASP A 73 -10.48 -6.65 8.74
CA ASP A 73 -11.86 -6.43 8.31
C ASP A 73 -12.06 -4.94 8.28
N ASN A 74 -12.19 -4.39 7.08
CA ASN A 74 -12.30 -2.93 6.98
C ASN A 74 -13.70 -2.38 7.39
N ALA A 75 -14.72 -3.20 7.20
CA ALA A 75 -16.05 -2.89 7.69
C ALA A 75 -16.09 -2.77 9.22
N ARG A 76 -15.38 -3.66 9.93
CA ARG A 76 -15.49 -3.69 11.39
C ARG A 76 -14.37 -2.86 12.05
N ASN A 77 -13.59 -2.13 11.26
CA ASN A 77 -12.44 -1.36 11.79
C ASN A 77 -11.50 -2.20 12.68
N THR A 78 -11.09 -3.36 12.18
CA THR A 78 -10.33 -4.30 13.01
C THR A 78 -9.20 -4.99 12.27
N LEU A 79 -8.11 -5.18 12.98
CA LEU A 79 -6.94 -5.84 12.45
C LEU A 79 -6.71 -7.05 13.32
N TYR A 80 -6.25 -8.15 12.72
CA TYR A 80 -6.04 -9.42 13.40
C TYR A 80 -4.65 -10.02 13.13
N LEU A 81 -4.10 -10.71 14.14
CA LEU A 81 -2.89 -11.52 13.96
C LEU A 81 -3.19 -12.91 14.48
N GLN A 82 -3.07 -13.92 13.62
CA GLN A 82 -3.34 -15.32 14.02
C GLN A 82 -2.00 -15.99 14.20
N MET A 83 -1.72 -16.41 15.43
CA MET A 83 -0.45 -17.06 15.74
C MET A 83 -0.67 -18.55 15.84
N SER A 84 0.27 -19.33 15.35
CA SER A 84 0.31 -20.79 15.63
C SER A 84 1.77 -21.25 15.61
N SER A 85 2.02 -22.46 16.09
CA SER A 85 3.41 -22.93 16.32
C SER A 85 4.22 -21.91 17.11
N LEU A 86 3.66 -21.40 18.19
CA LEU A 86 4.36 -20.45 19.02
C LEU A 86 5.60 -21.06 19.65
N ARG A 87 6.66 -20.28 19.77
CA ARG A 87 7.88 -20.68 20.45
C ARG A 87 8.16 -19.69 21.56
N SER A 88 9.03 -20.06 22.50
CA SER A 88 9.35 -19.18 23.63
C SER A 88 9.95 -17.84 23.21
N GLU A 89 10.66 -17.81 22.08
CA GLU A 89 11.19 -16.54 21.52
C GLU A 89 10.10 -15.52 21.16
N ASP A 90 8.86 -15.99 21.00
CA ASP A 90 7.75 -15.12 20.56
C ASP A 90 7.15 -14.38 21.76
N THR A 91 7.60 -14.66 22.98
CA THR A 91 7.11 -13.99 24.17
C THR A 91 7.36 -12.49 24.09
N ALA A 92 6.31 -11.65 24.20
CA ALA A 92 6.48 -10.23 23.97
C ALA A 92 5.21 -9.40 24.14
N MET A 93 5.40 -8.10 24.31
CA MET A 93 4.32 -7.18 24.21
C MET A 93 4.08 -6.96 22.72
N TYR A 94 2.84 -7.12 22.25
CA TYR A 94 2.54 -6.83 20.85
C TYR A 94 1.77 -5.55 20.72
N PHE A 95 2.20 -4.74 19.75
CA PHE A 95 1.66 -3.43 19.49
C PHE A 95 1.14 -3.35 18.07
N CYS A 96 -0.10 -2.88 17.90
CA CYS A 96 -0.56 -2.49 16.57
C CYS A 96 -0.17 -1.02 16.40
N SER A 97 -0.17 -0.57 15.16
CA SER A 97 0.28 0.77 14.86
C SER A 97 -0.12 1.21 13.44
N ARG A 98 -0.38 2.52 13.28
CA ARG A 98 -0.83 3.08 12.00
C ARG A 98 0.27 3.85 11.30
N GLU A 99 0.43 3.62 9.98
CA GLU A 99 1.38 4.38 9.12
C GLU A 99 0.86 5.78 8.81
N ASN A 100 1.73 6.62 8.28
CA ASN A 100 1.36 7.97 7.88
C ASN A 100 2.40 8.54 6.92
N TYR A 101 1.96 9.16 5.83
CA TYR A 101 2.88 9.81 4.90
C TYR A 101 4.20 10.20 5.61
N GLY A 102 5.27 9.55 5.19
CA GLY A 102 6.60 9.87 5.67
C GLY A 102 7.14 9.03 6.82
N SER A 103 6.28 8.34 7.55
CA SER A 103 6.73 7.60 8.74
C SER A 103 6.02 6.28 8.89
N SER A 104 6.57 5.44 9.75
CA SER A 104 6.18 4.03 9.76
C SER A 104 5.24 3.69 10.87
N PHE A 105 5.59 4.04 12.10
CA PHE A 105 4.76 3.69 13.25
C PHE A 105 4.35 4.98 13.92
N THR A 106 3.37 5.63 13.35
CA THR A 106 3.01 6.97 13.73
C THR A 106 2.12 7.05 14.94
N TYR A 107 1.15 6.15 15.06
CA TYR A 107 0.29 6.06 16.25
C TYR A 107 0.31 4.63 16.71
N TRP A 108 0.53 4.45 18.01
CA TRP A 108 0.70 3.15 18.65
C TRP A 108 -0.44 2.88 19.62
N GLY A 109 -0.74 1.60 19.85
CA GLY A 109 -1.70 1.21 20.90
C GLY A 109 -0.99 0.97 22.24
N GLN A 110 -1.71 0.42 23.22
CA GLN A 110 -1.16 0.18 24.57
C GLN A 110 -0.45 -1.20 24.63
N GLY A 111 -0.74 -2.07 23.69
CA GLY A 111 -0.08 -3.33 23.60
C GLY A 111 -0.74 -4.41 24.40
N THR A 112 -0.45 -5.63 24.04
CA THR A 112 -1.03 -6.75 24.73
C THR A 112 0.07 -7.81 24.86
N LEU A 113 0.17 -8.37 26.05
CA LEU A 113 1.29 -9.20 26.43
C LEU A 113 1.00 -10.63 26.08
N VAL A 114 1.92 -11.26 25.36
CA VAL A 114 1.80 -12.69 25.07
C VAL A 114 2.91 -13.48 25.74
N THR A 115 2.57 -14.48 26.53
CA THR A 115 3.54 -15.33 27.19
C THR A 115 3.41 -16.74 26.67
N VAL A 116 4.50 -17.18 26.03
CA VAL A 116 4.59 -18.54 25.49
C VAL A 116 5.35 -19.37 26.50
N SER A 117 4.72 -20.37 27.12
CA SER A 117 5.42 -21.14 28.15
C SER A 117 4.57 -22.27 28.67
N SER A 118 5.22 -23.20 29.38
CA SER A 118 4.53 -24.35 30.02
C SER A 118 4.18 -24.21 31.50
N ALA A 119 4.70 -23.20 32.16
CA ALA A 119 4.32 -22.93 33.54
C ALA A 119 2.80 -22.81 33.67
N LYS A 120 2.28 -23.38 34.73
CA LYS A 120 0.88 -23.30 35.06
C LYS A 120 0.50 -21.83 35.47
N THR A 121 -0.73 -21.43 35.15
CA THR A 121 -1.31 -20.20 35.69
C THR A 121 -1.46 -20.38 37.15
N THR A 122 -1.18 -19.34 37.92
CA THR A 122 -1.16 -19.44 39.38
C THR A 122 -1.55 -18.06 39.89
N PRO A 123 -2.52 -17.99 40.78
CA PRO A 123 -2.84 -16.67 41.33
C PRO A 123 -1.88 -16.28 42.44
N PRO A 124 -1.75 -14.99 42.69
CA PRO A 124 -0.83 -14.48 43.73
C PRO A 124 -1.29 -14.70 45.14
N SER A 125 -0.33 -14.78 46.05
CA SER A 125 -0.56 -14.61 47.46
C SER A 125 -0.12 -13.21 47.82
N VAL A 126 -0.88 -12.52 48.65
CA VAL A 126 -0.64 -11.12 48.96
C VAL A 126 -0.47 -10.97 50.44
N TYR A 127 0.56 -10.29 50.85
CA TYR A 127 0.94 -10.31 52.25
C TYR A 127 1.26 -8.90 52.64
N PRO A 128 0.82 -8.50 53.83
CA PRO A 128 1.09 -7.15 54.27
C PRO A 128 2.53 -7.04 54.68
N LEU A 129 3.18 -5.94 54.30
CA LEU A 129 4.48 -5.56 54.85
C LEU A 129 4.27 -4.39 55.78
N ALA A 130 4.40 -4.64 57.08
CA ALA A 130 4.41 -3.59 58.07
C ALA A 130 5.73 -3.58 58.84
N PRO A 131 6.12 -2.43 59.41
CA PRO A 131 7.44 -2.27 60.09
C PRO A 131 7.64 -3.12 61.35
N ASN A 138 10.06 10.18 63.44
CA ASN A 138 9.92 10.19 61.98
C ASN A 138 8.53 10.61 61.53
N SER A 139 8.44 11.55 60.61
CA SER A 139 7.11 12.06 60.26
C SER A 139 6.40 11.23 59.18
N MET A 140 7.17 10.59 58.30
CA MET A 140 6.58 9.70 57.30
C MET A 140 6.82 8.26 57.72
N VAL A 141 5.99 7.35 57.20
CA VAL A 141 6.17 5.92 57.43
C VAL A 141 5.94 5.11 56.14
N THR A 142 6.69 4.03 55.97
CA THR A 142 6.63 3.23 54.74
C THR A 142 6.04 1.85 54.92
N LEU A 143 5.10 1.51 54.06
CA LEU A 143 4.42 0.23 54.11
C LEU A 143 4.54 -0.39 52.74
N GLY A 144 4.27 -1.69 52.69
CA GLY A 144 4.16 -2.36 51.40
C GLY A 144 3.26 -3.55 51.42
N CYS A 145 3.08 -4.13 50.26
CA CYS A 145 2.62 -5.50 50.16
C CYS A 145 3.42 -6.33 49.15
N LEU A 146 3.53 -7.61 49.46
CA LEU A 146 4.33 -8.56 48.71
C LEU A 146 3.34 -9.37 47.91
N VAL A 147 3.53 -9.44 46.61
CA VAL A 147 2.70 -10.25 45.77
C VAL A 147 3.57 -11.39 45.23
N LYS A 148 3.37 -12.57 45.79
CA LYS A 148 4.25 -13.69 45.65
C LYS A 148 3.66 -14.89 44.90
N GLY A 149 4.46 -15.47 44.03
CA GLY A 149 4.13 -16.77 43.45
C GLY A 149 2.99 -16.73 42.48
N TYR A 150 3.05 -15.82 41.50
CA TYR A 150 1.97 -15.74 40.51
C TYR A 150 2.53 -15.90 39.12
N PHE A 151 1.66 -16.24 38.17
CA PHE A 151 2.09 -16.45 36.80
C PHE A 151 0.89 -16.51 35.86
N PRO A 152 0.99 -15.92 34.67
CA PRO A 152 2.03 -15.07 34.13
C PRO A 152 1.84 -13.59 34.60
N GLU A 153 2.71 -12.70 34.10
CA GLU A 153 2.50 -11.24 34.17
C GLU A 153 1.25 -10.87 33.38
N PRO A 154 0.64 -9.71 33.66
CA PRO A 154 0.94 -8.68 34.67
C PRO A 154 0.01 -8.79 35.85
N VAL A 155 0.37 -8.13 36.95
CA VAL A 155 -0.59 -7.89 38.05
C VAL A 155 -0.87 -6.39 38.10
N THR A 156 -1.79 -5.97 38.95
CA THR A 156 -2.06 -4.55 39.11
C THR A 156 -2.16 -4.29 40.62
N VAL A 157 -1.53 -3.23 41.08
CA VAL A 157 -1.50 -2.90 42.50
C VAL A 157 -1.90 -1.46 42.72
N THR A 158 -3.01 -1.21 43.41
CA THR A 158 -3.31 0.15 43.86
C THR A 158 -3.43 0.16 45.38
N TRP A 159 -3.32 1.35 45.94
CA TRP A 159 -3.44 1.56 47.40
C TRP A 159 -4.68 2.34 47.74
N ASN A 160 -5.52 1.79 48.59
CA ASN A 160 -6.78 2.44 48.98
C ASN A 160 -7.62 2.85 47.77
N SER A 161 -7.73 1.89 46.86
CA SER A 161 -8.55 1.94 45.65
C SER A 161 -8.25 3.09 44.74
N GLY A 162 -6.99 3.51 44.73
CA GLY A 162 -6.54 4.55 43.82
C GLY A 162 -6.52 5.90 44.47
N SER A 163 -7.07 6.01 45.68
CA SER A 163 -7.17 7.28 46.42
C SER A 163 -5.83 7.69 47.03
N LEU A 164 -4.74 7.14 46.52
CA LEU A 164 -3.44 7.25 47.16
C LEU A 164 -2.35 6.96 46.12
N SER A 165 -2.11 7.93 45.25
CA SER A 165 -1.11 7.85 44.20
C SER A 165 0.16 8.61 44.60
N SER A 166 0.01 9.57 45.52
CA SER A 166 1.06 10.49 45.89
C SER A 166 2.44 9.82 46.01
N GLY A 167 2.60 8.93 46.98
CA GLY A 167 3.95 8.48 47.35
C GLY A 167 4.12 6.97 47.21
N VAL A 168 3.91 6.48 46.01
CA VAL A 168 3.73 5.08 45.72
C VAL A 168 4.71 4.63 44.64
N HIS A 169 5.40 3.52 44.83
CA HIS A 169 5.99 2.85 43.68
C HIS A 169 5.96 1.34 43.77
N THR A 170 6.03 0.75 42.60
CA THR A 170 5.94 -0.67 42.46
C THR A 170 7.21 -1.13 41.82
N PHE A 171 7.81 -2.16 42.36
CA PHE A 171 9.07 -2.63 41.75
C PHE A 171 8.73 -3.64 40.68
N PRO A 172 9.59 -3.75 39.68
CA PRO A 172 9.35 -4.75 38.60
C PRO A 172 9.40 -6.13 39.11
N ALA A 173 8.58 -6.98 38.57
CA ALA A 173 8.49 -8.34 39.00
C ALA A 173 9.77 -9.15 38.67
N VAL A 174 10.04 -10.17 39.46
CA VAL A 174 11.17 -11.05 39.26
C VAL A 174 10.81 -12.52 39.17
N LEU A 175 11.27 -13.21 38.12
CA LEU A 175 10.98 -14.62 37.88
C LEU A 175 11.94 -15.55 38.61
N GLN A 176 11.41 -16.55 39.31
CA GLN A 176 12.19 -17.57 40.03
C GLN A 176 11.43 -18.86 40.08
N SER A 177 11.76 -19.79 39.19
CA SER A 177 11.25 -21.17 39.26
C SER A 177 9.78 -21.16 38.85
N ASP A 178 9.56 -20.62 37.68
CA ASP A 178 8.26 -20.61 37.08
C ASP A 178 7.18 -19.69 37.80
N LEU A 179 7.58 -18.79 38.69
CA LEU A 179 6.66 -17.90 39.42
C LEU A 179 7.24 -16.51 39.61
N TYR A 180 6.42 -15.49 39.38
CA TYR A 180 6.82 -14.10 39.58
C TYR A 180 6.57 -13.63 41.01
N THR A 181 7.39 -12.69 41.44
CA THR A 181 7.30 -12.09 42.75
C THR A 181 7.61 -10.61 42.57
N LEU A 182 6.85 -9.78 43.30
CA LEU A 182 6.82 -8.32 43.12
C LEU A 182 6.49 -7.66 44.45
N SER A 183 6.85 -6.40 44.61
CA SER A 183 6.44 -5.72 45.80
C SER A 183 6.06 -4.27 45.49
N SER A 184 5.35 -3.63 46.41
CA SER A 184 4.88 -2.27 46.19
C SER A 184 5.05 -1.48 47.49
N SER A 185 5.64 -0.28 47.45
CA SER A 185 5.73 0.51 48.69
C SER A 185 4.84 1.78 48.68
N VAL A 186 4.32 2.13 49.84
CA VAL A 186 3.61 3.38 49.95
C VAL A 186 4.21 4.10 51.12
N THR A 187 4.19 5.41 51.07
CA THR A 187 4.69 6.22 52.17
C THR A 187 3.59 7.17 52.61
N VAL A 188 3.25 7.15 53.88
CA VAL A 188 2.20 8.02 54.36
C VAL A 188 2.61 8.64 55.69
N PRO A 189 1.89 9.72 56.11
CA PRO A 189 2.24 10.38 57.38
C PRO A 189 2.06 9.45 58.56
N SER A 190 3.00 9.47 59.49
CA SER A 190 2.93 8.63 60.70
C SER A 190 1.65 8.85 61.46
N SER A 191 1.19 10.09 61.53
CA SER A 191 0.04 10.39 62.38
C SER A 191 -1.27 9.80 61.84
N THR A 192 -1.33 9.50 60.54
CA THR A 192 -2.52 8.92 59.91
C THR A 192 -2.54 7.40 59.85
N TRP A 193 -1.47 6.74 60.29
CA TRP A 193 -1.45 5.28 60.33
C TRP A 193 -0.78 4.82 61.62
N PRO A 194 -1.41 3.87 62.34
CA PRO A 194 -2.63 3.06 62.13
C PRO A 194 -3.97 3.79 62.11
N SER A 195 -4.08 4.92 62.80
CA SER A 195 -5.36 5.63 62.98
C SER A 195 -6.29 5.58 61.76
N GLU A 196 -5.80 5.88 60.58
CA GLU A 196 -6.56 5.66 59.33
C GLU A 196 -6.00 4.40 58.60
N THR A 197 -6.85 3.68 57.86
CA THR A 197 -6.46 2.39 57.27
C THR A 197 -5.74 2.53 55.95
N VAL A 198 -4.87 1.57 55.68
CA VAL A 198 -4.16 1.48 54.43
C VAL A 198 -4.35 0.06 53.87
N THR A 199 -4.74 0.00 52.61
CA THR A 199 -5.13 -1.25 52.05
C THR A 199 -4.57 -1.38 50.64
N CYS A 200 -3.77 -2.40 50.41
CA CYS A 200 -3.26 -2.61 49.07
C CYS A 200 -4.23 -3.52 48.32
N ASN A 201 -4.54 -3.17 47.08
CA ASN A 201 -5.51 -3.87 46.26
C ASN A 201 -4.76 -4.51 45.11
N VAL A 202 -4.83 -5.82 44.97
CA VAL A 202 -4.08 -6.51 43.93
C VAL A 202 -5.04 -7.23 43.01
N ALA A 203 -4.83 -7.09 41.72
CA ALA A 203 -5.65 -7.81 40.73
C ALA A 203 -4.70 -8.51 39.76
N HIS A 204 -5.10 -9.72 39.37
CA HIS A 204 -4.38 -10.55 38.41
C HIS A 204 -5.39 -11.12 37.45
N PRO A 205 -5.61 -10.44 36.33
CA PRO A 205 -6.63 -10.86 35.36
C PRO A 205 -6.48 -12.30 34.81
N ALA A 206 -5.24 -12.74 34.59
CA ALA A 206 -4.98 -14.11 34.08
C ALA A 206 -5.55 -15.23 34.92
N SER A 207 -5.75 -15.00 36.23
CA SER A 207 -6.49 -15.92 37.13
C SER A 207 -7.83 -15.40 37.64
N SER A 208 -8.23 -14.20 37.20
CA SER A 208 -9.44 -13.52 37.74
CA SER A 208 -9.45 -13.55 37.74
C SER A 208 -9.42 -13.51 39.27
N THR A 209 -8.30 -13.08 39.84
CA THR A 209 -8.12 -12.99 41.29
C THR A 209 -8.14 -11.52 41.67
N LYS A 210 -8.84 -11.15 42.76
CA LYS A 210 -8.72 -9.78 43.37
C LYS A 210 -8.60 -10.02 44.86
N VAL A 211 -7.61 -9.40 45.49
CA VAL A 211 -7.34 -9.51 46.93
C VAL A 211 -7.14 -8.09 47.46
N ASP A 212 -7.79 -7.77 48.58
CA ASP A 212 -7.65 -6.46 49.25
C ASP A 212 -7.06 -6.72 50.62
N LYS A 213 -5.83 -6.26 50.84
CA LYS A 213 -5.06 -6.72 52.00
C LYS A 213 -4.71 -5.52 52.85
N LYS A 214 -5.23 -5.50 54.08
CA LYS A 214 -5.16 -4.36 54.96
C LYS A 214 -3.85 -4.45 55.71
N ILE A 215 -3.11 -3.34 55.76
CA ILE A 215 -1.85 -3.35 56.45
C ILE A 215 -2.15 -3.03 57.91
N VAL A 216 -1.98 -4.03 58.76
CA VAL A 216 -2.16 -3.90 60.22
C VAL A 216 -0.81 -3.92 60.93
N PRO A 217 -0.66 -3.11 62.00
CA PRO A 217 0.59 -3.12 62.78
C PRO A 217 0.82 -4.39 63.58
N ARG A 218 2.10 -4.78 63.72
CA ARG A 218 2.48 -6.02 64.43
C ARG A 218 2.59 -5.71 65.93
N GLU B 1 -17.03 13.48 -10.97
CA GLU B 1 -15.98 14.55 -11.14
C GLU B 1 -14.54 14.04 -10.96
N VAL B 2 -14.31 12.73 -11.03
CA VAL B 2 -12.95 12.22 -11.12
C VAL B 2 -12.51 12.44 -12.58
N LYS B 3 -11.56 13.35 -12.77
CA LYS B 3 -10.96 13.61 -14.07
C LYS B 3 -9.51 13.12 -13.98
N LEU B 4 -9.06 12.42 -15.02
CA LEU B 4 -7.65 12.02 -15.16
C LEU B 4 -7.26 12.29 -16.59
N VAL B 5 -6.14 12.98 -16.79
CA VAL B 5 -5.68 13.40 -18.12
C VAL B 5 -4.18 13.19 -18.27
N GLU B 6 -3.79 12.28 -19.14
CA GLU B 6 -2.39 11.90 -19.35
C GLU B 6 -1.78 12.79 -20.42
N SER B 7 -0.46 13.01 -20.35
CA SER B 7 0.26 13.74 -21.40
C SER B 7 1.75 13.36 -21.53
N GLY B 8 2.39 13.90 -22.54
CA GLY B 8 3.83 13.81 -22.72
C GLY B 8 4.25 12.78 -23.72
N GLY B 9 3.26 12.13 -24.33
CA GLY B 9 3.53 11.08 -25.31
C GLY B 9 4.07 11.63 -26.60
N GLY B 10 4.72 10.79 -27.37
CA GLY B 10 5.28 11.19 -28.64
C GLY B 10 6.26 10.16 -29.15
N LEU B 11 7.03 10.56 -30.15
CA LEU B 11 7.94 9.67 -30.81
C LEU B 11 9.31 9.78 -30.13
N VAL B 12 9.97 8.65 -29.91
CA VAL B 12 11.33 8.69 -29.38
C VAL B 12 12.14 7.54 -29.95
N LYS B 13 13.43 7.74 -30.12
CA LYS B 13 14.28 6.71 -30.72
C LYS B 13 14.53 5.58 -29.73
N PRO B 14 14.78 4.36 -30.23
CA PRO B 14 15.22 3.27 -29.35
C PRO B 14 16.46 3.65 -28.53
N GLY B 15 16.47 3.27 -27.25
CA GLY B 15 17.46 3.75 -26.26
C GLY B 15 17.05 5.01 -25.51
N GLY B 16 16.17 5.82 -26.09
CA GLY B 16 15.83 7.16 -25.56
C GLY B 16 14.95 7.21 -24.33
N SER B 17 14.58 8.43 -23.98
CA SER B 17 13.85 8.71 -22.77
C SER B 17 12.64 9.60 -23.00
N LEU B 18 11.65 9.42 -22.15
CA LEU B 18 10.43 10.18 -22.24
C LEU B 18 9.81 10.27 -20.86
N LYS B 19 9.21 11.42 -20.54
CA LYS B 19 8.42 11.59 -19.31
C LYS B 19 6.91 11.79 -19.53
N LEU B 20 6.09 10.94 -18.94
CA LEU B 20 4.64 11.08 -18.98
C LEU B 20 4.08 11.65 -17.69
N SER B 21 2.95 12.32 -17.82
CA SER B 21 2.29 12.99 -16.72
C SER B 21 0.85 12.59 -16.67
N CYS B 22 0.32 12.56 -15.47
CA CYS B 22 -1.07 12.38 -15.31
C CYS B 22 -1.56 13.36 -14.26
N ALA B 23 -2.53 14.16 -14.66
CA ALA B 23 -3.09 15.19 -13.80
C ALA B 23 -4.43 14.69 -13.32
N ALA B 24 -4.63 14.69 -12.01
CA ALA B 24 -5.91 14.36 -11.45
C ALA B 24 -6.65 15.56 -10.79
N SER B 25 -7.97 15.50 -10.80
CA SER B 25 -8.83 16.40 -10.05
C SER B 25 -10.10 15.65 -9.66
N GLY B 26 -10.83 16.23 -8.71
CA GLY B 26 -12.13 15.72 -8.33
C GLY B 26 -12.06 14.84 -7.09
N PHE B 27 -10.90 14.78 -6.43
CA PHE B 27 -10.76 13.92 -5.24
C PHE B 27 -9.50 14.21 -4.45
N ILE B 28 -9.46 13.77 -3.19
CA ILE B 28 -8.25 13.92 -2.36
C ILE B 28 -7.27 12.94 -2.99
N PHE B 29 -6.29 13.51 -3.67
CA PHE B 29 -5.43 12.75 -4.55
C PHE B 29 -4.58 11.76 -3.75
N SER B 30 -4.03 12.18 -2.63
CA SER B 30 -3.15 11.31 -1.83
C SER B 30 -3.84 10.10 -1.16
N ASN B 31 -5.18 10.07 -1.16
CA ASN B 31 -5.90 8.93 -0.57
C ASN B 31 -5.98 7.67 -1.45
N TYR B 32 -5.69 7.76 -2.75
CA TYR B 32 -5.86 6.62 -3.63
C TYR B 32 -4.57 6.19 -4.29
N ALA B 33 -4.35 4.89 -4.40
CA ALA B 33 -3.28 4.37 -5.23
C ALA B 33 -3.61 4.64 -6.70
N MET B 34 -2.58 4.90 -7.53
CA MET B 34 -2.69 5.08 -8.98
C MET B 34 -1.90 4.02 -9.78
N SER B 35 -2.30 3.77 -11.02
CA SER B 35 -1.67 2.76 -11.85
C SER B 35 -1.51 3.16 -13.31
N TRP B 36 -0.45 2.67 -13.92
CA TRP B 36 -0.19 2.84 -15.32
C TRP B 36 -0.46 1.53 -15.97
N VAL B 37 -1.14 1.56 -17.10
CA VAL B 37 -1.54 0.37 -17.81
C VAL B 37 -1.40 0.74 -19.27
N ARG B 38 -0.92 -0.19 -20.11
CA ARG B 38 -0.70 0.13 -21.51
C ARG B 38 -1.37 -0.80 -22.49
N GLN B 39 -1.61 -0.31 -23.69
CA GLN B 39 -2.28 -1.08 -24.72
C GLN B 39 -1.46 -1.07 -25.99
N THR B 40 -1.03 -2.24 -26.43
CA THR B 40 -0.13 -2.32 -27.57
C THR B 40 -0.95 -2.10 -28.81
N PRO B 41 -0.31 -1.95 -29.97
CA PRO B 41 -1.09 -1.75 -31.21
C PRO B 41 -1.97 -2.94 -31.62
N GLU B 42 -1.61 -4.18 -31.26
CA GLU B 42 -2.58 -5.29 -31.46
C GLU B 42 -3.66 -5.30 -30.37
N LYS B 43 -3.74 -4.25 -29.57
CA LYS B 43 -4.83 -4.05 -28.61
C LYS B 43 -4.80 -4.95 -27.35
N ARG B 44 -3.68 -5.62 -27.07
CA ARG B 44 -3.51 -6.32 -25.77
C ARG B 44 -3.29 -5.25 -24.70
N LEU B 45 -3.77 -5.52 -23.50
CA LEU B 45 -3.57 -4.67 -22.38
C LEU B 45 -2.52 -5.28 -21.45
N GLU B 46 -1.66 -4.47 -20.86
CA GLU B 46 -0.68 -4.96 -19.89
C GLU B 46 -0.55 -3.98 -18.76
N TRP B 47 -0.58 -4.49 -17.55
CA TRP B 47 -0.28 -3.72 -16.37
C TRP B 47 1.21 -3.41 -16.35
N VAL B 48 1.56 -2.16 -15.98
CA VAL B 48 2.94 -1.73 -15.92
C VAL B 48 3.36 -1.48 -14.48
N ALA B 49 2.60 -0.63 -13.77
CA ALA B 49 2.88 -0.39 -12.37
C ALA B 49 1.73 0.21 -11.60
N THR B 50 1.90 0.15 -10.28
CA THR B 50 1.01 0.73 -9.31
C THR B 50 1.81 1.35 -8.17
N ILE B 51 1.34 2.51 -7.72
CA ILE B 51 2.02 3.27 -6.69
C ILE B 51 1.02 3.69 -5.63
N SER B 52 1.41 3.54 -4.37
CA SER B 52 0.54 3.76 -3.25
C SER B 52 0.33 5.25 -3.06
N GLY B 53 -0.78 5.60 -2.38
CA GLY B 53 -1.19 6.99 -2.10
C GLY B 53 -0.08 7.89 -1.59
N GLY B 54 0.61 7.46 -0.55
CA GLY B 54 1.77 8.19 -0.05
C GLY B 54 3.00 8.07 -0.91
N GLY B 55 3.09 7.03 -1.75
CA GLY B 55 4.25 6.84 -2.64
C GLY B 55 5.41 5.98 -2.14
N ARG B 56 5.28 5.33 -1.00
CA ARG B 56 6.38 4.50 -0.50
C ARG B 56 6.46 3.13 -1.18
N ASN B 57 5.31 2.56 -1.50
CA ASN B 57 5.20 1.24 -2.10
C ASN B 57 4.89 1.37 -3.58
N ILE B 58 5.73 0.72 -4.38
CA ILE B 58 5.70 0.78 -5.83
C ILE B 58 5.90 -0.62 -6.39
N TYR B 59 4.91 -1.12 -7.14
CA TYR B 59 5.00 -2.45 -7.73
C TYR B 59 4.95 -2.28 -9.22
N SER B 60 5.74 -3.06 -9.94
CA SER B 60 5.85 -2.92 -11.36
C SER B 60 6.21 -4.21 -12.04
N LEU B 61 6.02 -4.25 -13.35
CA LEU B 61 6.43 -5.40 -14.17
C LEU B 61 7.92 -5.56 -14.06
N ASP B 62 8.41 -6.79 -14.15
CA ASP B 62 9.87 -7.01 -14.01
C ASP B 62 10.63 -6.41 -15.19
N SER B 63 10.14 -6.63 -16.41
CA SER B 63 10.76 -6.08 -17.63
C SER B 63 10.89 -4.55 -17.70
N VAL B 64 10.34 -3.80 -16.75
CA VAL B 64 10.55 -2.36 -16.72
C VAL B 64 11.39 -1.90 -15.51
N LYS B 65 11.78 -2.81 -14.64
CA LYS B 65 12.67 -2.48 -13.53
C LYS B 65 14.05 -1.97 -14.02
N GLY B 66 14.55 -0.90 -13.42
CA GLY B 66 15.78 -0.27 -13.88
C GLY B 66 15.60 0.71 -15.02
N ARG B 67 14.49 0.64 -15.75
CA ARG B 67 14.28 1.52 -16.91
C ARG B 67 13.20 2.54 -16.64
N PHE B 68 12.11 2.12 -16.01
CA PHE B 68 11.01 3.04 -15.79
C PHE B 68 11.03 3.48 -14.33
N THR B 69 10.74 4.74 -14.08
CA THR B 69 10.73 5.24 -12.74
C THR B 69 9.38 5.89 -12.52
N PHE B 70 8.83 5.74 -11.32
CA PHE B 70 7.47 6.23 -11.02
C PHE B 70 7.49 7.01 -9.75
N PHE B 71 6.83 8.16 -9.76
CA PHE B 71 6.71 8.98 -8.57
C PHE B 71 5.48 9.85 -8.71
N ARG B 72 5.16 10.61 -7.66
CA ARG B 72 3.99 11.50 -7.67
C ARG B 72 4.19 12.69 -6.76
N ASP B 73 3.68 13.83 -7.16
CA ASP B 73 3.65 15.04 -6.32
C ASP B 73 2.24 15.22 -5.81
N ASN B 74 2.04 14.95 -4.52
CA ASN B 74 0.69 14.96 -3.99
C ASN B 74 0.13 16.39 -3.80
N ALA B 75 1.03 17.36 -3.56
CA ALA B 75 0.66 18.75 -3.55
C ALA B 75 0.13 19.22 -4.92
N ARG B 76 0.76 18.77 -6.00
CA ARG B 76 0.38 19.24 -7.34
C ARG B 76 -0.67 18.34 -8.02
N ASN B 77 -1.22 17.37 -7.30
CA ASN B 77 -2.17 16.41 -7.89
C ASN B 77 -1.67 15.75 -9.20
N THR B 78 -0.45 15.23 -9.18
CA THR B 78 0.19 14.77 -10.41
C THR B 78 0.99 13.49 -10.24
N LEU B 79 0.90 12.65 -11.25
CA LEU B 79 1.62 11.38 -11.27
C LEU B 79 2.52 11.42 -12.48
N TYR B 80 3.70 10.81 -12.37
CA TYR B 80 4.71 10.83 -13.42
C TYR B 80 5.29 9.45 -13.72
N LEU B 81 5.64 9.22 -14.97
CA LEU B 81 6.37 8.01 -15.37
C LEU B 81 7.58 8.46 -16.14
N GLN B 82 8.77 8.11 -15.68
CA GLN B 82 10.01 8.50 -16.37
C GLN B 82 10.51 7.25 -17.09
N MET B 83 10.56 7.31 -18.41
CA MET B 83 10.98 6.18 -19.20
C MET B 83 12.40 6.43 -19.66
N SER B 84 13.19 5.38 -19.71
CA SER B 84 14.50 5.45 -20.36
C SER B 84 14.84 4.07 -20.90
N SER B 85 15.88 3.96 -21.73
CA SER B 85 16.17 2.71 -22.44
C SER B 85 14.94 2.10 -23.11
N LEU B 86 14.17 2.94 -23.78
CA LEU B 86 13.00 2.47 -24.47
C LEU B 86 13.35 1.46 -25.56
N ARG B 87 12.49 0.47 -25.74
CA ARG B 87 12.60 -0.51 -26.82
C ARG B 87 11.31 -0.44 -27.65
N SER B 88 11.33 -0.99 -28.85
CA SER B 88 10.13 -0.99 -29.71
C SER B 88 8.94 -1.67 -29.05
N GLU B 89 9.20 -2.72 -28.25
CA GLU B 89 8.16 -3.43 -27.53
C GLU B 89 7.42 -2.53 -26.52
N ASP B 90 7.91 -1.34 -26.24
CA ASP B 90 7.24 -0.38 -25.33
C ASP B 90 6.25 0.55 -26.04
N THR B 91 6.15 0.46 -27.37
CA THR B 91 5.22 1.25 -28.12
C THR B 91 3.79 0.96 -27.69
N ALA B 92 3.02 1.99 -27.29
CA ALA B 92 1.70 1.76 -26.76
C ALA B 92 0.96 3.03 -26.35
N MET B 93 -0.35 2.89 -26.19
CA MET B 93 -1.14 3.90 -25.52
C MET B 93 -0.92 3.71 -24.02
N TYR B 94 -0.54 4.75 -23.29
CA TYR B 94 -0.39 4.63 -21.83
C TYR B 94 -1.56 5.31 -21.14
N PHE B 95 -2.09 4.58 -20.15
CA PHE B 95 -3.24 5.00 -19.36
C PHE B 95 -2.88 5.11 -17.91
N CYS B 96 -3.18 6.25 -17.28
CA CYS B 96 -3.15 6.32 -15.81
C CYS B 96 -4.54 5.88 -15.32
N SER B 97 -4.61 5.49 -14.05
CA SER B 97 -5.84 4.95 -13.50
C SER B 97 -5.82 4.91 -11.98
N ARG B 98 -7.00 5.09 -11.38
CA ARG B 98 -7.16 5.19 -9.93
C ARG B 98 -7.73 3.90 -9.37
N GLU B 99 -7.13 3.39 -8.28
CA GLU B 99 -7.64 2.21 -7.56
C GLU B 99 -8.81 2.60 -6.67
N ASN B 100 -9.51 1.60 -6.18
CA ASN B 100 -10.64 1.82 -5.32
C ASN B 100 -10.91 0.54 -4.53
N TYR B 101 -11.04 0.63 -3.22
CA TYR B 101 -11.23 -0.58 -2.38
C TYR B 101 -11.98 -1.66 -3.19
N GLY B 102 -11.28 -2.78 -3.43
CA GLY B 102 -11.86 -3.94 -4.07
C GLY B 102 -11.65 -4.06 -5.57
N SER B 103 -11.26 -2.99 -6.24
CA SER B 103 -10.93 -3.09 -7.66
C SER B 103 -9.62 -2.38 -8.00
N SER B 104 -9.10 -2.65 -9.19
CA SER B 104 -7.75 -2.22 -9.53
C SER B 104 -7.72 -0.98 -10.42
N PHE B 105 -8.46 -0.99 -11.52
CA PHE B 105 -8.46 0.14 -12.44
C PHE B 105 -9.86 0.69 -12.56
N THR B 106 -10.24 1.47 -11.56
CA THR B 106 -11.60 1.89 -11.39
C THR B 106 -11.98 3.08 -12.22
N TYR B 107 -11.09 4.05 -12.37
CA TYR B 107 -11.30 5.21 -13.25
C TYR B 107 -10.06 5.35 -14.11
N TRP B 108 -10.27 5.52 -15.42
CA TRP B 108 -9.20 5.56 -16.41
C TRP B 108 -9.14 6.95 -17.07
N GLY B 109 -7.98 7.32 -17.58
CA GLY B 109 -7.86 8.54 -18.39
C GLY B 109 -8.08 8.24 -19.87
N GLN B 110 -7.79 9.21 -20.73
CA GLN B 110 -7.93 9.07 -22.20
C GLN B 110 -6.72 8.39 -22.84
N GLY B 111 -5.58 8.45 -22.17
CA GLY B 111 -4.38 7.84 -22.63
C GLY B 111 -3.53 8.74 -23.51
N THR B 112 -2.26 8.40 -23.61
CA THR B 112 -1.35 9.16 -24.40
C THR B 112 -0.43 8.17 -25.10
N LEU B 113 -0.21 8.43 -26.37
CA LEU B 113 0.41 7.47 -27.25
C LEU B 113 1.91 7.66 -27.24
N VAL B 114 2.65 6.59 -27.02
CA VAL B 114 4.08 6.62 -27.16
C VAL B 114 4.51 5.75 -28.32
N THR B 115 5.30 6.31 -29.23
CA THR B 115 5.89 5.54 -30.31
C THR B 115 7.41 5.50 -30.19
N VAL B 116 7.93 4.30 -30.06
CA VAL B 116 9.38 4.09 -29.97
C VAL B 116 9.83 3.64 -31.34
N SER B 117 10.66 4.43 -32.02
CA SER B 117 11.06 4.07 -33.38
C SER B 117 12.06 5.03 -34.00
N SER B 118 12.72 4.58 -35.05
CA SER B 118 13.71 5.38 -35.80
C SER B 118 13.16 6.13 -37.03
N ALA B 119 11.95 5.84 -37.45
CA ALA B 119 11.33 6.60 -38.53
C ALA B 119 11.28 8.12 -38.22
N LYS B 120 11.53 8.91 -39.25
CA LYS B 120 11.41 10.33 -39.20
C LYS B 120 9.95 10.74 -38.98
N THR B 121 9.77 11.83 -38.24
CA THR B 121 8.50 12.55 -38.22
C THR B 121 8.26 13.11 -39.59
N THR B 122 7.01 13.08 -40.03
CA THR B 122 6.69 13.47 -41.39
C THR B 122 5.27 13.98 -41.32
N PRO B 123 5.04 15.19 -41.84
CA PRO B 123 3.65 15.68 -41.83
C PRO B 123 2.84 15.08 -42.94
N PRO B 124 1.51 15.08 -42.81
CA PRO B 124 0.63 14.50 -43.84
C PRO B 124 0.50 15.37 -45.09
N SER B 125 0.21 14.72 -46.20
CA SER B 125 -0.33 15.36 -47.37
C SER B 125 -1.84 15.06 -47.36
N VAL B 126 -2.66 16.05 -47.68
CA VAL B 126 -4.11 15.93 -47.62
C VAL B 126 -4.69 16.20 -49.00
N TYR B 127 -5.56 15.34 -49.47
CA TYR B 127 -6.03 15.40 -50.84
C TYR B 127 -7.53 15.24 -50.88
N PRO B 128 -8.20 15.99 -51.73
CA PRO B 128 -9.65 15.93 -51.79
C PRO B 128 -10.04 14.72 -52.56
N LEU B 129 -11.01 13.97 -52.05
CA LEU B 129 -11.64 12.89 -52.78
C LEU B 129 -13.00 13.39 -53.21
N ALA B 130 -13.14 13.65 -54.51
CA ALA B 130 -14.43 13.98 -55.09
C ALA B 130 -14.78 12.95 -56.19
N PRO B 131 -16.08 12.79 -56.48
CA PRO B 131 -16.55 11.74 -57.44
C PRO B 131 -16.11 11.94 -58.88
N SER B 139 -29.74 11.43 -54.51
CA SER B 139 -30.13 12.44 -53.52
C SER B 139 -29.04 12.72 -52.48
N MET B 140 -28.26 11.71 -52.09
CA MET B 140 -27.09 11.92 -51.23
C MET B 140 -25.82 11.75 -52.05
N VAL B 141 -24.73 12.35 -51.58
CA VAL B 141 -23.46 12.25 -52.23
C VAL B 141 -22.32 12.07 -51.21
N THR B 142 -21.31 11.29 -51.58
CA THR B 142 -20.22 10.96 -50.67
C THR B 142 -18.88 11.54 -51.09
N LEU B 143 -18.23 12.19 -50.14
CA LEU B 143 -16.94 12.82 -50.38
C LEU B 143 -15.97 12.27 -49.36
N GLY B 144 -14.69 12.53 -49.58
CA GLY B 144 -13.69 12.23 -48.57
C GLY B 144 -12.43 13.04 -48.71
N CYS B 145 -11.53 12.87 -47.74
CA CYS B 145 -10.15 13.26 -47.93
C CYS B 145 -9.18 12.20 -47.48
N LEU B 146 -8.07 12.18 -48.18
CA LEU B 146 -7.04 11.19 -48.00
C LEU B 146 -5.94 11.90 -47.24
N VAL B 147 -5.46 11.31 -46.15
CA VAL B 147 -4.36 11.86 -45.40
C VAL B 147 -3.21 10.88 -45.47
N LYS B 148 -2.24 11.19 -46.29
CA LYS B 148 -1.22 10.25 -46.72
C LYS B 148 0.20 10.58 -46.23
N GLY B 149 0.93 9.53 -45.85
CA GLY B 149 2.37 9.65 -45.63
C GLY B 149 2.79 10.43 -44.42
N TYR B 150 2.23 10.12 -43.26
CA TYR B 150 2.53 10.86 -42.05
C TYR B 150 3.03 9.92 -40.99
N PHE B 151 3.73 10.47 -40.02
CA PHE B 151 4.31 9.65 -38.99
C PHE B 151 4.76 10.52 -37.84
N PRO B 152 4.47 10.13 -36.59
CA PRO B 152 3.71 8.99 -36.09
C PRO B 152 2.23 9.34 -36.02
N GLU B 153 1.44 8.38 -35.54
CA GLU B 153 0.04 8.60 -35.15
C GLU B 153 0.01 9.59 -33.97
N PRO B 154 -1.12 10.26 -33.69
CA PRO B 154 -2.43 10.29 -34.34
C PRO B 154 -2.62 11.55 -35.17
N VAL B 155 -3.61 11.56 -36.06
CA VAL B 155 -4.05 12.78 -36.72
C VAL B 155 -5.46 13.06 -36.25
N THR B 156 -6.01 14.19 -36.63
CA THR B 156 -7.38 14.51 -36.28
C THR B 156 -8.05 15.05 -37.54
N VAL B 157 -9.28 14.60 -37.79
CA VAL B 157 -10.01 15.00 -38.99
C VAL B 157 -11.41 15.46 -38.65
N THR B 158 -11.75 16.70 -38.91
CA THR B 158 -13.14 17.11 -38.83
C THR B 158 -13.60 17.70 -40.18
N TRP B 159 -14.91 17.81 -40.37
CA TRP B 159 -15.49 18.36 -41.59
C TRP B 159 -16.21 19.67 -41.33
N ASN B 160 -15.85 20.71 -42.06
CA ASN B 160 -16.45 22.04 -41.86
C ASN B 160 -16.37 22.49 -40.40
N SER B 161 -15.17 22.29 -39.82
CA SER B 161 -14.79 22.70 -38.46
C SER B 161 -15.70 22.16 -37.37
N GLY B 162 -16.20 20.94 -37.58
CA GLY B 162 -17.01 20.26 -36.57
C GLY B 162 -18.50 20.49 -36.73
N SER B 163 -18.89 21.38 -37.63
CA SER B 163 -20.31 21.67 -37.88
C SER B 163 -21.01 20.58 -38.69
N LEU B 164 -20.42 19.39 -38.73
CA LEU B 164 -20.84 18.34 -39.66
C LEU B 164 -20.39 16.99 -39.12
N SER B 165 -21.10 16.52 -38.10
CA SER B 165 -20.84 15.23 -37.46
C SER B 165 -21.84 14.17 -37.96
N SER B 166 -23.00 14.64 -38.42
CA SER B 166 -24.13 13.77 -38.80
C SER B 166 -23.71 12.49 -39.54
N GLY B 167 -23.14 12.63 -40.75
CA GLY B 167 -22.93 11.48 -41.63
C GLY B 167 -21.48 11.25 -42.02
N VAL B 168 -20.64 11.03 -41.01
CA VAL B 168 -19.20 11.06 -41.13
C VAL B 168 -18.60 9.80 -40.56
N HIS B 169 -17.65 9.19 -41.25
CA HIS B 169 -16.72 8.31 -40.53
C HIS B 169 -15.28 8.40 -41.02
N THR B 170 -14.38 7.98 -40.13
CA THR B 170 -12.98 7.96 -40.39
C THR B 170 -12.49 6.56 -40.29
N PHE B 171 -11.70 6.11 -41.26
CA PHE B 171 -11.21 4.73 -41.17
C PHE B 171 -9.92 4.76 -40.42
N PRO B 172 -9.60 3.67 -39.74
CA PRO B 172 -8.35 3.61 -38.97
C PRO B 172 -7.13 3.72 -39.85
N ALA B 173 -6.07 4.32 -39.34
CA ALA B 173 -4.84 4.47 -40.10
C ALA B 173 -4.15 3.14 -40.35
N VAL B 174 -3.41 3.06 -41.45
CA VAL B 174 -2.66 1.86 -41.83
C VAL B 174 -1.20 2.17 -42.14
N LEU B 175 -0.30 1.40 -41.55
CA LEU B 175 1.13 1.57 -41.77
C LEU B 175 1.59 0.86 -43.06
N GLN B 176 2.30 1.60 -43.92
CA GLN B 176 2.75 1.11 -45.24
C GLN B 176 3.95 1.94 -45.69
N SER B 177 5.15 1.39 -45.48
CA SER B 177 6.44 2.04 -45.80
C SER B 177 7.00 3.01 -44.74
N ASP B 178 6.94 2.70 -43.43
CA ASP B 178 7.34 3.66 -42.39
C ASP B 178 6.45 4.95 -42.37
N LEU B 179 5.26 4.89 -42.99
CA LEU B 179 4.33 6.03 -43.05
C LEU B 179 2.88 5.58 -42.94
N TYR B 180 2.07 6.32 -42.18
CA TYR B 180 0.66 6.02 -42.02
C TYR B 180 -0.16 6.68 -43.11
N THR B 181 -1.27 6.04 -43.43
CA THR B 181 -2.24 6.55 -44.41
C THR B 181 -3.62 6.26 -43.84
N LEU B 182 -4.54 7.20 -44.06
CA LEU B 182 -5.87 7.21 -43.47
C LEU B 182 -6.84 7.90 -44.41
N SER B 183 -8.13 7.64 -44.27
CA SER B 183 -9.12 8.36 -45.06
C SER B 183 -10.41 8.61 -44.27
N SER B 184 -11.24 9.53 -44.74
CA SER B 184 -12.41 9.96 -43.99
C SER B 184 -13.54 10.21 -44.98
N SER B 185 -14.74 9.69 -44.76
CA SER B 185 -15.85 10.00 -45.69
C SER B 185 -16.95 10.84 -45.07
N VAL B 186 -17.55 11.68 -45.88
CA VAL B 186 -18.70 12.41 -45.42
C VAL B 186 -19.80 12.21 -46.45
N THR B 187 -21.05 12.24 -46.02
CA THR B 187 -22.18 12.10 -46.93
C THR B 187 -23.15 13.28 -46.74
N VAL B 188 -23.45 13.99 -47.81
CA VAL B 188 -24.30 15.16 -47.71
C VAL B 188 -25.29 15.16 -48.86
N PRO B 189 -26.36 15.97 -48.75
CA PRO B 189 -27.34 16.05 -49.82
C PRO B 189 -26.76 16.57 -51.10
N SER B 190 -27.14 15.97 -52.24
CA SER B 190 -26.67 16.39 -53.57
C SER B 190 -26.96 17.85 -53.86
N SER B 191 -28.12 18.33 -53.41
CA SER B 191 -28.53 19.66 -53.77
C SER B 191 -27.70 20.74 -53.07
N THR B 192 -27.04 20.40 -51.96
CA THR B 192 -26.21 21.34 -51.23
C THR B 192 -24.72 21.34 -51.61
N TRP B 193 -24.30 20.42 -52.48
CA TRP B 193 -22.91 20.38 -52.92
C TRP B 193 -22.87 20.13 -54.43
N PRO B 194 -22.12 20.94 -55.20
CA PRO B 194 -21.15 22.03 -54.88
C PRO B 194 -21.71 23.33 -54.30
N SER B 195 -22.96 23.65 -54.59
CA SER B 195 -23.58 24.92 -54.16
C SER B 195 -23.12 25.46 -52.77
N GLU B 196 -23.09 24.61 -51.75
CA GLU B 196 -22.41 24.95 -50.48
C GLU B 196 -21.09 24.20 -50.35
N THR B 197 -20.15 24.77 -49.60
CA THR B 197 -18.80 24.21 -49.53
C THR B 197 -18.66 23.11 -48.48
N VAL B 198 -17.73 22.19 -48.76
CA VAL B 198 -17.37 21.14 -47.82
C VAL B 198 -15.85 21.13 -47.68
N THR B 199 -15.36 21.10 -46.45
CA THR B 199 -13.96 21.29 -46.20
C THR B 199 -13.50 20.36 -45.10
N CYS B 200 -12.52 19.52 -45.41
CA CYS B 200 -12.01 18.63 -44.41
C CYS B 200 -10.83 19.32 -43.74
N ASN B 201 -10.75 19.23 -42.43
CA ASN B 201 -9.75 19.91 -41.64
C ASN B 201 -8.90 18.85 -40.99
N VAL B 202 -7.60 18.86 -41.25
CA VAL B 202 -6.71 17.84 -40.71
C VAL B 202 -5.67 18.52 -39.81
N ALA B 203 -5.41 17.93 -38.66
CA ALA B 203 -4.34 18.38 -37.76
C ALA B 203 -3.48 17.18 -37.37
N HIS B 204 -2.17 17.41 -37.28
CA HIS B 204 -1.18 16.43 -36.87
C HIS B 204 -0.24 17.10 -35.90
N PRO B 205 -0.50 16.96 -34.60
CA PRO B 205 0.28 17.65 -33.57
C PRO B 205 1.79 17.35 -33.57
N ALA B 206 2.15 16.10 -33.82
CA ALA B 206 3.57 15.70 -33.86
C ALA B 206 4.43 16.50 -34.81
N SER B 207 3.84 17.09 -35.87
CA SER B 207 4.56 18.04 -36.78
C SER B 207 4.02 19.50 -36.71
N SER B 208 3.05 19.74 -35.83
CA SER B 208 2.35 21.03 -35.75
CA SER B 208 2.30 20.99 -35.76
C SER B 208 1.87 21.47 -37.16
N THR B 209 1.21 20.56 -37.87
CA THR B 209 0.69 20.82 -39.21
C THR B 209 -0.83 20.98 -39.09
N LYS B 210 -1.41 21.96 -39.76
CA LYS B 210 -2.89 22.03 -39.94
C LYS B 210 -3.12 22.36 -41.42
N VAL B 211 -4.04 21.64 -42.06
CA VAL B 211 -4.39 21.81 -43.46
C VAL B 211 -5.92 21.79 -43.56
N ASP B 212 -6.49 22.75 -44.30
CA ASP B 212 -7.94 22.82 -44.56
C ASP B 212 -8.11 22.65 -46.05
N LYS B 213 -8.74 21.57 -46.46
CA LYS B 213 -8.72 21.17 -47.86
C LYS B 213 -10.16 21.11 -48.34
N LYS B 214 -10.49 21.96 -49.29
CA LYS B 214 -11.84 22.16 -49.74
C LYS B 214 -12.11 21.15 -50.83
N ILE B 215 -13.26 20.48 -50.75
CA ILE B 215 -13.60 19.47 -51.75
C ILE B 215 -14.30 20.17 -52.91
N VAL B 216 -13.61 20.26 -54.03
CA VAL B 216 -14.13 20.89 -55.25
C VAL B 216 -14.42 19.81 -56.28
N PRO B 217 -15.46 20.00 -57.11
CA PRO B 217 -15.73 19.09 -58.23
C PRO B 217 -14.86 19.35 -59.45
N ASP C 1 20.05 -8.64 5.95
CA ASP C 1 19.30 -7.89 6.94
C ASP C 1 20.09 -6.69 7.37
N VAL C 2 19.43 -5.54 7.44
CA VAL C 2 20.13 -4.34 7.82
C VAL C 2 20.16 -4.25 9.30
N LEU C 3 21.07 -3.47 9.82
CA LEU C 3 21.52 -3.63 11.15
C LEU C 3 21.86 -2.32 11.78
N MET C 4 21.28 -2.03 12.92
CA MET C 4 21.48 -0.75 13.53
C MET C 4 22.09 -0.86 14.88
N THR C 5 23.04 0.00 15.15
CA THR C 5 23.63 0.12 16.45
C THR C 5 23.49 1.52 16.89
N GLN C 6 23.45 1.70 18.20
CA GLN C 6 23.32 3.01 18.84
C GLN C 6 24.43 3.20 19.86
N THR C 7 24.83 4.43 20.06
CA THR C 7 25.75 4.77 21.12
C THR C 7 25.39 6.13 21.70
N PRO C 8 25.72 6.33 22.97
CA PRO C 8 26.17 5.27 23.91
C PRO C 8 24.99 4.41 24.33
N LEU C 9 25.22 3.41 25.19
CA LEU C 9 24.14 2.56 25.67
C LEU C 9 23.26 3.30 26.67
N SER C 10 23.90 4.15 27.45
CA SER C 10 23.23 5.05 28.36
C SER C 10 24.01 6.35 28.40
N LEU C 11 23.30 7.40 28.79
CA LEU C 11 23.76 8.76 28.58
C LEU C 11 23.35 9.57 29.80
N PRO C 12 24.28 9.86 30.70
CA PRO C 12 23.88 10.65 31.88
C PRO C 12 23.98 12.16 31.58
N VAL C 13 22.91 12.93 31.82
CA VAL C 13 22.91 14.35 31.47
C VAL C 13 22.04 15.23 32.40
N GLY C 14 22.52 16.44 32.71
CA GLY C 14 21.85 17.32 33.64
C GLY C 14 20.69 18.09 33.01
N LEU C 15 19.75 18.53 33.84
CA LEU C 15 18.63 19.35 33.35
C LEU C 15 19.11 20.61 32.69
N GLY C 16 18.60 20.89 31.49
CA GLY C 16 19.02 22.04 30.65
C GLY C 16 20.27 21.85 29.79
N ASP C 17 21.04 20.78 30.07
CA ASP C 17 22.26 20.46 29.33
C ASP C 17 21.90 19.79 27.99
N GLN C 18 22.88 19.42 27.18
CA GLN C 18 22.57 18.90 25.86
C GLN C 18 23.01 17.44 25.68
N ALA C 19 22.40 16.76 24.72
CA ALA C 19 22.66 15.38 24.53
C ALA C 19 22.57 15.00 23.06
N SER C 20 23.38 14.01 22.67
CA SER C 20 23.49 13.52 21.31
C SER C 20 23.51 12.01 21.28
N ILE C 21 22.72 11.42 20.40
CA ILE C 21 22.67 9.98 20.28
C ILE C 21 22.97 9.63 18.84
N SER C 22 23.85 8.63 18.66
CA SER C 22 24.30 8.26 17.34
C SER C 22 23.66 6.96 16.94
N CYS C 23 23.37 6.86 15.66
CA CYS C 23 22.82 5.63 15.07
C CYS C 23 23.64 5.35 13.82
N ARG C 24 24.10 4.12 13.68
CA ARG C 24 24.87 3.66 12.53
C ARG C 24 24.16 2.47 11.90
N SER C 25 24.04 2.46 10.59
CA SER C 25 23.53 1.28 9.88
C SER C 25 24.67 0.46 9.24
N SER C 26 24.47 -0.83 9.07
CA SER C 26 25.50 -1.73 8.51
C SER C 26 25.62 -1.65 7.01
N GLN C 27 24.59 -1.13 6.36
CA GLN C 27 24.70 -0.67 4.98
C GLN C 27 23.74 0.48 4.75
N SER C 28 23.75 1.02 3.54
CA SER C 28 22.99 2.20 3.18
C SER C 28 21.51 1.95 3.31
N ILE C 29 20.78 2.99 3.72
CA ILE C 29 19.35 2.85 3.93
C ILE C 29 18.57 3.88 3.13
N VAL C 30 19.15 4.28 1.99
CA VAL C 30 18.42 5.04 1.01
C VAL C 30 17.47 4.09 0.27
N HIS C 31 16.23 4.52 0.10
CA HIS C 31 15.22 3.72 -0.57
C HIS C 31 15.45 3.96 -2.04
N SER C 32 15.00 3.02 -2.88
CA SER C 32 15.09 3.22 -4.34
C SER C 32 14.42 4.51 -4.78
N ASN C 33 13.33 4.88 -4.11
CA ASN C 33 12.57 6.09 -4.47
C ASN C 33 13.26 7.36 -4.12
N GLY C 34 14.45 7.27 -3.52
CA GLY C 34 15.27 8.44 -3.20
C GLY C 34 15.30 8.88 -1.74
N ASN C 35 14.29 8.56 -0.95
CA ASN C 35 14.25 9.04 0.44
C ASN C 35 15.01 8.13 1.39
N THR C 36 15.26 8.64 2.59
CA THR C 36 15.84 7.85 3.70
C THR C 36 14.82 7.77 4.82
N TYR C 37 14.30 6.60 5.05
CA TYR C 37 13.31 6.39 6.05
C TYR C 37 13.91 6.04 7.42
N LEU C 38 14.57 7.00 8.02
CA LEU C 38 15.13 6.77 9.30
C LEU C 38 14.25 7.54 10.28
N GLU C 39 13.87 6.92 11.39
CA GLU C 39 12.95 7.51 12.34
C GLU C 39 13.49 7.31 13.75
N TRP C 40 13.10 8.21 14.66
CA TRP C 40 13.50 8.09 16.04
C TRP C 40 12.29 8.03 16.90
N TYR C 41 12.34 7.14 17.89
CA TYR C 41 11.25 6.83 18.78
C TYR C 41 11.74 6.95 20.20
N LEU C 42 10.86 7.44 21.06
CA LEU C 42 11.13 7.58 22.46
C LEU C 42 10.09 6.81 23.23
N GLN C 43 10.54 5.96 24.17
CA GLN C 43 9.65 5.19 25.02
C GLN C 43 9.88 5.59 26.46
N LYS C 44 8.93 6.34 27.02
CA LYS C 44 9.03 6.73 28.41
C LYS C 44 8.67 5.54 29.26
N PRO C 45 9.20 5.46 30.50
CA PRO C 45 8.85 4.32 31.36
C PRO C 45 7.34 4.09 31.49
N GLY C 46 6.95 2.84 31.32
CA GLY C 46 5.55 2.42 31.41
C GLY C 46 4.64 2.86 30.28
N GLN C 47 5.18 3.12 29.11
CA GLN C 47 4.38 3.66 28.02
C GLN C 47 4.74 3.05 26.70
N SER C 48 3.87 3.28 25.71
CA SER C 48 4.16 2.92 24.36
C SER C 48 5.20 3.86 23.78
N PRO C 49 5.97 3.38 22.80
CA PRO C 49 6.82 4.29 22.05
C PRO C 49 6.05 5.38 21.33
N LYS C 50 6.70 6.53 21.17
CA LYS C 50 6.18 7.68 20.44
C LYS C 50 7.16 8.12 19.35
N LEU C 51 6.66 8.55 18.20
CA LEU C 51 7.46 9.10 17.12
C LEU C 51 7.94 10.48 17.46
N LEU C 52 9.23 10.73 17.25
CA LEU C 52 9.81 12.06 17.31
C LEU C 52 10.16 12.64 15.95
N ILE C 53 10.89 11.87 15.16
CA ILE C 53 11.54 12.38 13.95
C ILE C 53 11.31 11.38 12.86
N TYR C 54 11.03 11.87 11.66
CA TYR C 54 10.90 10.99 10.51
C TYR C 54 11.68 11.55 9.35
N LYS C 55 11.95 10.65 8.38
CA LYS C 55 12.86 10.94 7.28
C LYS C 55 14.09 11.69 7.69
N VAL C 56 14.73 11.24 8.76
CA VAL C 56 16.04 11.78 9.22
C VAL C 56 15.96 13.09 9.98
N SER C 57 15.27 14.08 9.45
CA SER C 57 15.30 15.36 10.17
C SER C 57 13.99 16.09 10.38
N ASN C 58 12.86 15.48 10.13
CA ASN C 58 11.59 16.16 10.22
C ASN C 58 10.91 15.86 11.52
N ARG C 59 10.71 16.90 12.33
CA ARG C 59 9.98 16.80 13.58
C ARG C 59 8.54 16.49 13.28
N PHE C 60 8.07 15.38 13.84
CA PHE C 60 6.66 15.06 13.83
C PHE C 60 5.89 16.17 14.56
N SER C 61 4.60 16.27 14.26
CA SER C 61 3.69 17.25 14.86
C SER C 61 3.58 17.11 16.38
N GLY C 62 3.66 18.25 17.05
CA GLY C 62 3.57 18.31 18.50
C GLY C 62 4.90 18.14 19.24
N VAL C 63 5.92 17.62 18.56
CA VAL C 63 7.18 17.30 19.21
C VAL C 63 7.92 18.61 19.39
N PRO C 64 8.43 18.88 20.58
CA PRO C 64 9.21 20.13 20.87
C PRO C 64 10.41 20.43 19.96
N ASP C 65 10.68 21.71 19.73
CA ASP C 65 11.77 22.17 18.86
C ASP C 65 13.18 21.79 19.36
N ARG C 66 13.24 21.24 20.55
CA ARG C 66 14.50 20.91 21.22
C ARG C 66 15.15 19.65 20.61
N PHE C 67 14.32 18.88 19.89
CA PHE C 67 14.75 17.68 19.21
C PHE C 67 15.07 17.97 17.76
N SER C 68 16.23 17.49 17.32
CA SER C 68 16.63 17.62 15.94
C SER C 68 17.43 16.38 15.43
N GLY C 69 17.30 16.12 14.14
CA GLY C 69 17.84 14.91 13.55
C GLY C 69 18.77 15.29 12.44
N SER C 70 19.84 14.52 12.26
CA SER C 70 20.71 14.77 11.15
C SER C 70 21.37 13.48 10.74
N GLY C 71 22.02 13.53 9.60
CA GLY C 71 22.92 12.48 9.17
C GLY C 71 22.82 12.16 7.72
N SER C 72 23.66 11.26 7.25
CA SER C 72 23.54 10.77 5.87
C SER C 72 24.29 9.45 5.63
N GLY C 73 23.67 8.64 4.76
CA GLY C 73 24.26 7.42 4.27
C GLY C 73 24.04 6.32 5.28
N THR C 74 25.02 6.21 6.19
CA THR C 74 24.99 5.21 7.22
C THR C 74 25.17 5.74 8.64
N ASP C 75 25.24 7.06 8.83
N ASP C 75 25.22 7.06 8.83
CA ASP C 75 25.39 7.63 10.18
CA ASP C 75 25.40 7.63 10.17
C ASP C 75 24.42 8.77 10.47
C ASP C 75 24.42 8.76 10.46
N PHE C 76 23.77 8.69 11.62
CA PHE C 76 22.68 9.63 11.95
C PHE C 76 22.76 10.05 13.41
N THR C 77 22.15 11.19 13.74
CA THR C 77 22.21 11.68 15.11
C THR C 77 20.93 12.35 15.57
N LEU C 78 20.61 12.10 16.81
CA LEU C 78 19.53 12.77 17.45
C LEU C 78 20.19 13.73 18.43
N LYS C 79 19.89 15.02 18.30
CA LYS C 79 20.39 15.97 19.24
C LYS C 79 19.23 16.54 20.05
N ILE C 80 19.46 16.65 21.34
CA ILE C 80 18.56 17.36 22.23
C ILE C 80 19.30 18.58 22.76
N SER C 81 18.83 19.74 22.37
CA SER C 81 19.42 21.00 22.80
C SER C 81 19.39 21.22 24.33
N ARG C 82 18.24 20.99 24.95
CA ARG C 82 18.04 21.33 26.35
C ARG C 82 17.14 20.25 26.99
N VAL C 83 17.69 19.44 27.90
CA VAL C 83 17.04 18.24 28.39
C VAL C 83 16.06 18.59 29.52
N GLU C 84 14.80 18.16 29.39
CA GLU C 84 13.79 18.28 30.46
C GLU C 84 13.64 16.91 31.10
N ALA C 85 12.98 16.81 32.27
CA ALA C 85 12.84 15.51 32.97
C ALA C 85 11.92 14.54 32.22
N GLU C 86 10.88 15.08 31.59
CA GLU C 86 9.96 14.31 30.79
C GLU C 86 10.67 13.54 29.66
N ASP C 87 11.79 14.06 29.17
CA ASP C 87 12.57 13.43 28.08
C ASP C 87 13.36 12.18 28.49
N LEU C 88 13.18 11.76 29.73
CA LEU C 88 13.84 10.61 30.22
C LEU C 88 13.24 9.37 29.55
N GLY C 89 14.08 8.34 29.32
CA GLY C 89 13.59 7.08 28.78
C GLY C 89 14.50 6.38 27.81
N VAL C 90 13.92 5.58 26.93
CA VAL C 90 14.71 4.87 25.92
C VAL C 90 14.43 5.39 24.51
N TYR C 91 15.50 5.71 23.80
CA TYR C 91 15.43 6.23 22.45
C TYR C 91 15.88 5.13 21.48
N TYR C 92 15.04 4.87 20.48
CA TYR C 92 15.30 3.88 19.47
C TYR C 92 15.34 4.51 18.10
N CYS C 93 16.35 4.19 17.27
CA CYS C 93 16.31 4.55 15.85
C CYS C 93 15.70 3.40 15.15
N PHE C 94 15.26 3.61 13.92
CA PHE C 94 14.52 2.61 13.15
C PHE C 94 14.74 2.93 11.70
N GLN C 95 14.99 1.93 10.87
CA GLN C 95 15.01 2.17 9.46
C GLN C 95 13.90 1.44 8.78
N GLY C 96 13.29 2.15 7.86
CA GLY C 96 12.12 1.68 7.23
C GLY C 96 12.31 1.65 5.75
N SER C 97 13.55 1.63 5.31
CA SER C 97 13.83 1.60 3.86
C SER C 97 13.91 0.20 3.28
N HIS C 98 14.41 -0.76 4.03
CA HIS C 98 14.74 -2.11 3.50
C HIS C 98 14.14 -3.26 4.28
N ALA C 99 13.28 -4.05 3.64
CA ALA C 99 12.72 -5.21 4.32
C ALA C 99 13.85 -6.24 4.60
N PRO C 100 13.88 -6.85 5.80
CA PRO C 100 13.09 -6.60 7.02
C PRO C 100 13.52 -5.34 7.79
N TYR C 101 12.55 -4.51 8.16
CA TYR C 101 12.79 -3.22 8.81
C TYR C 101 13.28 -3.48 10.22
N THR C 102 14.16 -2.63 10.75
CA THR C 102 14.83 -2.96 11.98
C THR C 102 15.02 -1.77 12.88
N PHE C 103 15.06 -2.04 14.17
CA PHE C 103 15.38 -1.06 15.19
C PHE C 103 16.79 -1.17 15.76
N GLY C 104 17.32 -0.04 16.21
CA GLY C 104 18.54 -0.05 17.02
C GLY C 104 18.16 -0.63 18.36
N GLY C 105 19.17 -0.96 19.19
CA GLY C 105 18.95 -1.67 20.46
C GLY C 105 18.55 -0.77 21.61
N GLY C 106 18.57 0.54 21.39
CA GLY C 106 18.10 1.48 22.40
C GLY C 106 19.22 2.17 23.11
N THR C 107 18.93 3.38 23.59
CA THR C 107 19.83 4.19 24.37
C THR C 107 19.07 4.82 25.55
N LYS C 108 19.49 4.47 26.76
CA LYS C 108 18.83 4.97 27.93
C LYS C 108 19.34 6.38 28.20
N LEU C 109 18.42 7.32 28.28
CA LEU C 109 18.77 8.66 28.71
C LEU C 109 18.48 8.75 30.20
N GLU C 110 19.51 9.12 30.97
CA GLU C 110 19.46 9.25 32.42
C GLU C 110 19.66 10.71 32.80
N ILE C 111 18.74 11.24 33.61
CA ILE C 111 18.87 12.60 34.17
C ILE C 111 19.83 12.60 35.36
N LYS C 112 20.92 13.35 35.27
CA LYS C 112 21.88 13.47 36.38
C LYS C 112 21.37 14.55 37.33
N ARG C 113 21.07 14.16 38.57
CA ARG C 113 20.60 15.08 39.60
C ARG C 113 21.64 15.06 40.71
N ALA C 114 21.39 15.88 41.73
CA ALA C 114 22.20 15.88 42.93
C ALA C 114 22.10 14.52 43.60
N ASP C 115 23.21 14.04 44.14
CA ASP C 115 23.23 12.76 44.84
C ASP C 115 22.22 12.74 45.97
N ALA C 116 21.69 11.53 46.24
CA ALA C 116 20.70 11.29 47.26
C ALA C 116 20.94 9.94 47.91
N ALA C 117 20.70 9.87 49.20
CA ALA C 117 20.89 8.63 49.92
C ALA C 117 19.58 7.86 50.01
N PRO C 118 19.68 6.54 50.05
CA PRO C 118 18.48 5.75 50.17
C PRO C 118 17.83 5.90 51.53
N THR C 119 16.55 5.66 51.55
CA THR C 119 15.77 5.58 52.74
C THR C 119 15.46 4.10 52.89
N VAL C 120 15.99 3.48 53.93
CA VAL C 120 15.94 2.03 54.07
C VAL C 120 14.80 1.63 54.99
N SER C 121 13.93 0.72 54.54
CA SER C 121 12.96 0.09 55.41
C SER C 121 13.18 -1.41 55.35
N ILE C 122 12.94 -2.08 56.47
CA ILE C 122 13.01 -3.54 56.53
C ILE C 122 11.73 -4.10 57.14
N PHE C 123 11.30 -5.25 56.65
CA PHE C 123 9.99 -5.78 56.98
C PHE C 123 10.11 -7.23 57.37
N PRO C 124 9.70 -7.58 58.60
CA PRO C 124 9.55 -8.99 58.95
C PRO C 124 8.39 -9.60 58.18
N PRO C 125 8.35 -10.91 58.07
CA PRO C 125 7.23 -11.52 57.40
C PRO C 125 5.91 -11.40 58.17
N SER C 126 4.80 -11.56 57.45
CA SER C 126 3.47 -11.61 58.05
C SER C 126 3.21 -12.93 58.78
N SER C 127 2.35 -12.88 59.80
CA SER C 127 1.88 -14.08 60.45
CA SER C 127 1.89 -14.09 60.45
C SER C 127 1.09 -14.94 59.46
N GLU C 128 0.32 -14.29 58.58
CA GLU C 128 -0.36 -14.98 57.49
C GLU C 128 0.65 -15.82 56.63
N GLN C 129 1.83 -15.29 56.32
CA GLN C 129 2.76 -16.04 55.51
C GLN C 129 3.40 -17.24 56.27
N LEU C 130 3.69 -17.04 57.54
CA LEU C 130 4.29 -18.05 58.41
C LEU C 130 3.38 -19.26 58.57
N THR C 131 2.10 -19.00 58.81
CA THR C 131 1.08 -20.02 58.92
C THR C 131 1.08 -20.99 57.75
N SER C 132 1.34 -20.50 56.54
CA SER C 132 1.44 -21.39 55.38
C SER C 132 2.89 -21.87 55.06
N GLY C 133 3.77 -21.89 56.07
CA GLY C 133 5.15 -22.39 55.91
C GLY C 133 6.23 -21.56 55.20
N GLY C 134 5.91 -20.33 54.82
CA GLY C 134 6.90 -19.45 54.19
C GLY C 134 7.33 -18.31 55.11
N ALA C 135 8.42 -17.62 54.76
CA ALA C 135 8.93 -16.45 55.48
C ALA C 135 9.81 -15.64 54.55
N SER C 136 9.23 -14.62 53.95
CA SER C 136 9.98 -13.69 53.16
C SER C 136 10.31 -12.49 54.06
N VAL C 137 11.55 -11.98 53.92
CA VAL C 137 11.99 -10.76 54.59
C VAL C 137 12.33 -9.76 53.51
N VAL C 138 11.74 -8.57 53.60
CA VAL C 138 11.88 -7.61 52.52
C VAL C 138 12.57 -6.35 52.98
N CYS C 139 13.41 -5.79 52.12
CA CYS C 139 14.13 -4.54 52.36
C CYS C 139 13.79 -3.59 51.19
N PHE C 140 13.34 -2.38 51.49
CA PHE C 140 13.17 -1.37 50.46
C PHE C 140 14.26 -0.32 50.60
N LEU C 141 14.85 0.07 49.49
CA LEU C 141 15.82 1.15 49.41
C LEU C 141 15.24 2.19 48.49
N ASN C 142 14.60 3.20 49.05
CA ASN C 142 13.82 4.12 48.25
C ASN C 142 14.52 5.43 47.95
N ASN C 143 14.37 5.91 46.70
CA ASN C 143 14.66 7.29 46.31
C ASN C 143 16.07 7.72 46.57
N PHE C 144 16.97 7.06 45.84
CA PHE C 144 18.39 7.32 45.88
C PHE C 144 18.92 7.60 44.46
N TYR C 145 20.10 8.23 44.40
CA TYR C 145 20.83 8.55 43.17
C TYR C 145 22.31 8.65 43.52
N PRO C 146 23.20 8.00 42.73
CA PRO C 146 23.00 7.26 41.46
C PRO C 146 22.53 5.82 41.63
N LYS C 147 22.28 5.16 40.52
CA LYS C 147 21.65 3.84 40.54
C LYS C 147 22.50 2.71 41.13
N ASP C 148 23.82 2.86 41.11
CA ASP C 148 24.72 1.84 41.63
C ASP C 148 24.63 1.77 43.16
N ILE C 149 24.36 0.58 43.69
CA ILE C 149 24.28 0.36 45.13
C ILE C 149 24.58 -1.10 45.45
N ASN C 150 25.23 -1.36 46.58
CA ASN C 150 25.40 -2.75 47.05
C ASN C 150 24.56 -2.96 48.28
N VAL C 151 23.86 -4.09 48.31
CA VAL C 151 23.02 -4.50 49.43
C VAL C 151 23.48 -5.86 49.91
N LYS C 152 23.54 -6.05 51.22
CA LYS C 152 23.76 -7.40 51.74
C LYS C 152 22.98 -7.73 53.00
N TRP C 153 22.63 -9.01 53.06
CA TRP C 153 21.90 -9.59 54.14
C TRP C 153 22.81 -10.26 55.15
N LYS C 154 22.54 -10.02 56.43
CA LYS C 154 23.27 -10.66 57.48
C LYS C 154 22.24 -11.22 58.42
N ILE C 155 22.46 -12.44 58.87
CA ILE C 155 21.56 -13.10 59.79
C ILE C 155 22.45 -13.48 60.97
N ASP C 156 22.10 -13.05 62.15
CA ASP C 156 22.99 -13.21 63.30
C ASP C 156 24.45 -12.90 62.95
N GLY C 157 24.67 -11.81 62.21
CA GLY C 157 26.02 -11.29 61.97
C GLY C 157 26.76 -11.81 60.75
N SER C 158 26.33 -12.92 60.15
CA SER C 158 26.98 -13.46 58.94
C SER C 158 26.18 -13.29 57.60
N GLU C 159 26.91 -13.06 56.50
CA GLU C 159 26.34 -12.81 55.16
C GLU C 159 25.57 -13.97 54.57
N ARG C 160 24.66 -13.64 53.66
CA ARG C 160 23.81 -14.62 52.99
C ARG C 160 23.65 -14.26 51.51
N GLN C 161 24.25 -15.05 50.61
CA GLN C 161 24.11 -14.88 49.15
C GLN C 161 22.87 -15.61 48.60
N ASN C 162 22.55 -16.74 49.24
CA ASN C 162 21.59 -17.72 48.70
C ASN C 162 20.12 -17.39 48.96
N GLY C 163 19.32 -17.34 47.89
CA GLY C 163 17.89 -17.04 48.00
C GLY C 163 17.58 -15.56 48.18
N VAL C 164 18.37 -14.71 47.53
CA VAL C 164 18.22 -13.26 47.60
C VAL C 164 17.89 -12.73 46.22
N LEU C 165 16.73 -12.10 46.10
CA LEU C 165 16.28 -11.53 44.83
C LEU C 165 16.21 -10.02 44.91
N ASN C 166 16.72 -9.35 43.87
CA ASN C 166 16.81 -7.90 43.82
C ASN C 166 16.12 -7.32 42.61
N SER C 167 15.50 -6.15 42.76
CA SER C 167 14.75 -5.49 41.67
C SER C 167 14.89 -3.96 41.71
N TRP C 168 15.32 -3.31 40.63
CA TRP C 168 15.44 -1.86 40.55
C TRP C 168 14.26 -1.23 39.81
N THR C 169 13.81 -0.04 40.21
CA THR C 169 12.86 0.69 39.37
C THR C 169 13.63 1.29 38.19
N ASP C 170 12.90 1.73 37.18
CA ASP C 170 13.44 2.66 36.21
C ASP C 170 13.60 4.02 36.97
N GLN C 171 14.28 4.99 36.38
CA GLN C 171 14.39 6.30 37.01
C GLN C 171 13.01 7.04 37.02
N ASP C 172 12.63 7.62 38.16
CA ASP C 172 11.36 8.38 38.26
C ASP C 172 11.50 9.78 37.62
N SER C 173 10.60 10.18 36.73
CA SER C 173 10.65 11.59 36.25
C SER C 173 10.14 12.63 37.28
N LYS C 174 9.34 12.24 38.28
CA LYS C 174 8.95 13.22 39.33
C LYS C 174 10.20 13.85 40.01
N ASP C 175 10.81 13.18 40.97
CA ASP C 175 12.21 13.46 41.33
C ASP C 175 13.00 12.77 40.24
N SER C 176 14.28 12.56 40.36
CA SER C 176 14.97 11.85 39.26
C SER C 176 15.68 10.67 39.84
N THR C 177 14.96 9.90 40.65
CA THR C 177 15.60 8.93 41.54
C THR C 177 15.30 7.51 41.16
N TYR C 178 16.03 6.60 41.82
CA TYR C 178 15.85 5.16 41.72
C TYR C 178 15.47 4.56 43.07
N SER C 179 14.70 3.47 43.04
CA SER C 179 14.47 2.65 44.20
C SER C 179 14.83 1.19 43.89
N MET C 180 15.11 0.41 44.91
CA MET C 180 15.28 -1.02 44.70
C MET C 180 14.68 -1.86 45.83
N SER C 181 14.21 -3.04 45.48
CA SER C 181 13.72 -4.02 46.43
C SER C 181 14.71 -5.18 46.58
N SER C 182 14.92 -5.66 47.81
CA SER C 182 15.72 -6.86 48.03
C SER C 182 14.94 -7.78 48.94
N THR C 183 14.79 -9.04 48.53
CA THR C 183 13.96 -10.01 49.23
C THR C 183 14.81 -11.24 49.55
N LEU C 184 14.65 -11.76 50.76
CA LEU C 184 15.30 -12.97 51.19
C LEU C 184 14.21 -13.96 51.55
N THR C 185 14.13 -15.08 50.81
CA THR C 185 13.02 -16.00 51.01
C THR C 185 13.50 -17.27 51.67
N LEU C 186 12.86 -17.62 52.78
CA LEU C 186 13.21 -18.77 53.58
C LEU C 186 11.96 -19.56 53.96
N THR C 187 12.19 -20.74 54.49
CA THR C 187 11.15 -21.55 55.12
C THR C 187 10.92 -21.04 56.52
N LYS C 188 9.73 -21.24 57.06
CA LYS C 188 9.50 -20.88 58.45
C LYS C 188 10.50 -21.58 59.37
N ASP C 189 10.89 -22.80 59.01
CA ASP C 189 11.86 -23.56 59.81
C ASP C 189 13.23 -22.84 59.76
N GLU C 190 13.70 -22.50 58.57
CA GLU C 190 14.98 -21.74 58.47
C GLU C 190 14.91 -20.33 59.13
N TYR C 191 13.73 -19.73 59.20
CA TYR C 191 13.54 -18.38 59.74
C TYR C 191 13.53 -18.37 61.25
N GLU C 192 12.79 -19.30 61.85
CA GLU C 192 12.75 -19.48 63.32
C GLU C 192 14.09 -19.93 63.92
N ARG C 193 14.96 -20.47 63.07
CA ARG C 193 16.29 -20.93 63.42
C ARG C 193 17.28 -19.78 63.82
N HIS C 194 16.89 -18.52 63.70
CA HIS C 194 17.79 -17.36 63.89
C HIS C 194 17.05 -16.18 64.51
N ASN C 195 17.75 -15.13 64.87
CA ASN C 195 17.11 -14.03 65.57
C ASN C 195 17.29 -12.63 64.99
N SER C 196 18.55 -12.27 64.69
CA SER C 196 18.90 -10.94 64.20
C SER C 196 18.92 -10.94 62.67
N TYR C 197 18.07 -10.13 62.04
CA TYR C 197 18.02 -9.95 60.55
C TYR C 197 18.34 -8.53 60.14
N THR C 198 19.25 -8.38 59.19
CA THR C 198 19.83 -7.08 58.84
C THR C 198 20.07 -6.98 57.33
N CYS C 199 19.63 -5.88 56.70
CA CYS C 199 20.17 -5.47 55.39
C CYS C 199 21.10 -4.27 55.62
N GLU C 200 22.29 -4.32 55.02
CA GLU C 200 23.22 -3.18 55.02
C GLU C 200 23.37 -2.71 53.56
N ALA C 201 23.18 -1.41 53.34
CA ALA C 201 23.27 -0.82 51.99
C ALA C 201 24.47 0.12 51.85
N THR C 202 25.28 -0.10 50.82
CA THR C 202 26.43 0.78 50.52
C THR C 202 26.17 1.63 49.27
N HIS C 203 26.51 2.91 49.36
CA HIS C 203 26.19 3.89 48.32
C HIS C 203 27.16 5.07 48.42
N LYS C 204 27.51 5.67 47.29
CA LYS C 204 28.49 6.76 47.28
C LYS C 204 28.08 8.02 48.08
N THR C 205 26.90 8.02 48.68
CA THR C 205 26.49 9.15 49.52
C THR C 205 27.03 9.07 50.95
N SER C 206 27.87 8.08 51.21
CA SER C 206 28.43 7.94 52.52
C SER C 206 29.56 6.95 52.45
N THR C 207 30.48 7.08 53.40
CA THR C 207 31.66 6.23 53.43
C THR C 207 31.29 4.92 54.10
N SER C 208 30.26 4.96 54.96
CA SER C 208 29.89 3.79 55.75
C SER C 208 28.41 3.40 55.60
N PRO C 209 28.11 2.10 55.72
CA PRO C 209 26.80 1.49 55.44
C PRO C 209 25.62 2.19 56.04
N ILE C 210 24.47 2.01 55.41
CA ILE C 210 23.20 2.26 56.06
C ILE C 210 22.57 0.90 56.39
N VAL C 211 22.25 0.73 57.68
CA VAL C 211 21.87 -0.55 58.20
C VAL C 211 20.51 -0.47 58.86
N LYS C 212 19.58 -1.31 58.41
CA LYS C 212 18.37 -1.52 59.17
C LYS C 212 18.32 -2.97 59.59
N SER C 213 17.64 -3.20 60.69
CA SER C 213 17.77 -4.46 61.36
C SER C 213 16.50 -4.68 62.17
N PHE C 214 16.14 -5.94 62.41
CA PHE C 214 15.16 -6.27 63.46
C PHE C 214 15.47 -7.61 64.11
N ASN C 215 14.93 -7.81 65.31
CA ASN C 215 15.06 -9.06 66.03
C ASN C 215 13.74 -9.82 66.00
N ARG C 216 13.73 -11.08 65.54
CA ARG C 216 12.51 -11.90 65.58
C ARG C 216 11.83 -11.96 66.98
N ASN C 217 12.55 -11.52 68.02
CA ASN C 217 12.06 -11.22 69.44
C ASN C 217 12.24 -12.49 70.20
N ASP D 1 4.30 -16.73 -14.01
CA ASP D 1 3.31 -15.70 -14.49
C ASP D 1 1.96 -16.38 -14.72
N VAL D 2 0.91 -15.79 -14.17
CA VAL D 2 -0.44 -16.33 -14.36
C VAL D 2 -0.92 -15.87 -15.71
N LEU D 3 -1.68 -16.73 -16.36
CA LEU D 3 -2.08 -16.51 -17.74
C LEU D 3 -3.60 -16.73 -17.89
N MET D 4 -4.23 -15.87 -18.67
CA MET D 4 -5.69 -15.80 -18.76
C MET D 4 -6.11 -15.97 -20.20
N THR D 5 -7.11 -16.79 -20.45
CA THR D 5 -7.58 -17.04 -21.79
C THR D 5 -9.06 -16.78 -21.83
N GLN D 6 -9.54 -16.23 -22.93
CA GLN D 6 -10.94 -15.90 -23.07
C GLN D 6 -11.51 -16.63 -24.24
N THR D 7 -12.80 -16.95 -24.15
CA THR D 7 -13.52 -17.55 -25.24
C THR D 7 -14.93 -17.01 -25.26
N PRO D 8 -15.52 -16.93 -26.45
CA PRO D 8 -14.83 -17.12 -27.73
C PRO D 8 -14.01 -15.87 -28.05
N LEU D 9 -13.31 -15.86 -29.20
CA LEU D 9 -12.51 -14.69 -29.58
C LEU D 9 -13.43 -13.58 -30.05
N SER D 10 -14.52 -13.96 -30.70
CA SER D 10 -15.59 -13.04 -31.03
C SER D 10 -16.94 -13.72 -30.85
N LEU D 11 -17.99 -12.93 -30.69
CA LEU D 11 -19.27 -13.43 -30.25
C LEU D 11 -20.39 -12.69 -30.99
N PRO D 12 -21.04 -13.33 -31.98
CA PRO D 12 -22.12 -12.62 -32.69
C PRO D 12 -23.48 -12.81 -32.02
N VAL D 13 -24.21 -11.73 -31.72
CA VAL D 13 -25.46 -11.83 -30.95
C VAL D 13 -26.51 -10.73 -31.27
N GLY D 14 -27.78 -11.10 -31.31
CA GLY D 14 -28.86 -10.18 -31.69
C GLY D 14 -29.36 -9.29 -30.58
N LEU D 15 -29.97 -8.15 -30.93
CA LEU D 15 -30.46 -7.21 -29.90
C LEU D 15 -31.48 -7.88 -29.05
N GLY D 16 -31.34 -7.72 -27.73
CA GLY D 16 -32.24 -8.35 -26.74
C GLY D 16 -31.95 -9.81 -26.38
N ASP D 17 -31.08 -10.45 -27.16
CA ASP D 17 -30.66 -11.82 -26.94
C ASP D 17 -29.57 -11.86 -25.82
N GLN D 18 -29.05 -13.02 -25.50
CA GLN D 18 -28.12 -13.10 -24.38
C GLN D 18 -26.74 -13.57 -24.78
N ALA D 19 -25.75 -13.28 -23.93
CA ALA D 19 -24.37 -13.61 -24.27
C ALA D 19 -23.58 -13.97 -23.03
N SER D 20 -22.60 -14.85 -23.22
CA SER D 20 -21.73 -15.36 -22.16
C SER D 20 -20.30 -15.39 -22.60
N ILE D 21 -19.39 -14.88 -21.76
CA ILE D 21 -17.96 -14.85 -22.04
C ILE D 21 -17.24 -15.56 -20.93
N SER D 22 -16.33 -16.46 -21.32
CA SER D 22 -15.63 -17.28 -20.37
C SER D 22 -14.21 -16.80 -20.20
N CYS D 23 -13.70 -16.92 -18.99
CA CYS D 23 -12.32 -16.59 -18.72
C CYS D 23 -11.77 -17.75 -17.91
N ARG D 24 -10.61 -18.24 -18.31
CA ARG D 24 -9.92 -19.33 -17.63
C ARG D 24 -8.54 -18.85 -17.21
N SER D 25 -8.14 -19.13 -15.98
CA SER D 25 -6.77 -18.87 -15.54
C SER D 25 -5.91 -20.15 -15.53
N SER D 26 -4.61 -20.02 -15.72
CA SER D 26 -3.71 -21.19 -15.79
C SER D 26 -3.39 -21.76 -14.42
N GLN D 27 -3.60 -20.98 -13.37
CA GLN D 27 -3.62 -21.49 -12.02
C GLN D 27 -4.57 -20.63 -11.19
N SER D 28 -4.73 -21.02 -9.93
CA SER D 28 -5.71 -20.41 -9.03
C SER D 28 -5.37 -18.95 -8.82
N ILE D 29 -6.42 -18.14 -8.64
CA ILE D 29 -6.24 -16.72 -8.45
C ILE D 29 -7.00 -16.25 -7.20
N VAL D 30 -7.13 -17.16 -6.24
CA VAL D 30 -7.54 -16.79 -4.90
C VAL D 30 -6.33 -16.17 -4.20
N HIS D 31 -6.58 -15.07 -3.52
CA HIS D 31 -5.52 -14.37 -2.84
C HIS D 31 -5.40 -15.09 -1.52
N SER D 32 -4.24 -15.02 -0.89
CA SER D 32 -4.11 -15.58 0.47
C SER D 32 -5.15 -15.02 1.43
N ASN D 33 -5.51 -13.74 1.26
CA ASN D 33 -6.45 -13.09 2.17
C ASN D 33 -7.86 -13.57 2.03
N GLY D 34 -8.09 -14.49 1.08
CA GLY D 34 -9.41 -15.10 0.90
C GLY D 34 -10.22 -14.65 -0.30
N ASN D 35 -10.01 -13.44 -0.80
CA ASN D 35 -10.79 -12.94 -1.93
C ASN D 35 -10.23 -13.39 -3.29
N THR D 36 -11.05 -13.22 -4.32
CA THR D 36 -10.64 -13.42 -5.70
C THR D 36 -10.76 -12.08 -6.44
N TYR D 37 -9.63 -11.55 -6.85
CA TYR D 37 -9.60 -10.28 -7.51
C TYR D 37 -9.71 -10.43 -9.04
N LEU D 38 -10.87 -10.86 -9.49
CA LEU D 38 -11.10 -11.01 -10.90
C LEU D 38 -12.03 -9.85 -11.30
N GLU D 39 -11.71 -9.16 -12.39
CA GLU D 39 -12.47 -7.99 -12.81
C GLU D 39 -12.73 -8.07 -14.31
N TRP D 40 -13.82 -7.46 -14.77
CA TRP D 40 -14.16 -7.41 -16.18
C TRP D 40 -14.25 -5.99 -16.61
N TYR D 41 -13.69 -5.74 -17.78
CA TYR D 41 -13.58 -4.41 -18.36
C TYR D 41 -14.11 -4.45 -19.76
N LEU D 42 -14.72 -3.36 -20.15
CA LEU D 42 -15.28 -3.22 -21.47
C LEU D 42 -14.64 -1.99 -22.07
N GLN D 43 -14.16 -2.13 -23.32
CA GLN D 43 -13.64 -1.01 -24.09
C GLN D 43 -14.46 -0.82 -25.34
N LYS D 44 -15.29 0.22 -25.35
CA LYS D 44 -16.09 0.56 -26.53
C LYS D 44 -15.18 1.17 -27.55
N PRO D 45 -15.52 1.05 -28.84
CA PRO D 45 -14.64 1.65 -29.86
C PRO D 45 -14.31 3.13 -29.58
N GLY D 46 -13.03 3.45 -29.70
CA GLY D 46 -12.52 4.81 -29.52
C GLY D 46 -12.55 5.33 -28.09
N GLN D 47 -12.54 4.45 -27.11
CA GLN D 47 -12.72 4.88 -25.74
C GLN D 47 -11.76 4.14 -24.83
N SER D 48 -11.62 4.67 -23.62
CA SER D 48 -10.87 4.03 -22.57
C SER D 48 -11.65 2.84 -22.08
N PRO D 49 -10.95 1.86 -21.50
CA PRO D 49 -11.64 0.79 -20.83
C PRO D 49 -12.41 1.29 -19.61
N LYS D 50 -13.54 0.63 -19.33
CA LYS D 50 -14.38 0.92 -18.16
CA LYS D 50 -14.34 0.92 -18.15
C LYS D 50 -14.56 -0.36 -17.33
N LEU D 51 -14.59 -0.21 -16.01
CA LEU D 51 -14.89 -1.30 -15.10
C LEU D 51 -16.38 -1.64 -15.12
N LEU D 52 -16.68 -2.95 -15.23
CA LEU D 52 -18.02 -3.48 -15.07
C LEU D 52 -18.22 -4.24 -13.78
N ILE D 53 -17.32 -5.19 -13.51
CA ILE D 53 -17.50 -6.15 -12.43
C ILE D 53 -16.17 -6.26 -11.67
N TYR D 54 -16.26 -6.35 -10.35
CA TYR D 54 -15.08 -6.56 -9.52
C TYR D 54 -15.36 -7.64 -8.53
N LYS D 55 -14.27 -8.20 -8.00
CA LYS D 55 -14.29 -9.39 -7.16
C LYS D 55 -15.29 -10.42 -7.66
N VAL D 56 -15.19 -10.73 -8.96
CA VAL D 56 -15.94 -11.82 -9.58
C VAL D 56 -17.40 -11.51 -9.89
N SER D 57 -18.14 -11.01 -8.92
CA SER D 57 -19.57 -10.84 -9.17
C SER D 57 -20.21 -9.54 -8.73
N ASN D 58 -19.45 -8.52 -8.38
CA ASN D 58 -20.03 -7.28 -7.90
C ASN D 58 -20.04 -6.25 -9.00
N ARG D 59 -21.24 -5.84 -9.38
CA ARG D 59 -21.44 -4.76 -10.34
C ARG D 59 -20.93 -3.47 -9.75
N PHE D 60 -20.01 -2.85 -10.46
CA PHE D 60 -19.58 -1.51 -10.13
C PHE D 60 -20.78 -0.56 -10.23
N SER D 61 -20.68 0.57 -9.53
CA SER D 61 -21.69 1.62 -9.52
C SER D 61 -21.97 2.20 -10.92
N GLY D 62 -23.27 2.33 -11.22
CA GLY D 62 -23.72 2.85 -12.50
C GLY D 62 -23.93 1.79 -13.56
N VAL D 63 -23.35 0.61 -13.40
CA VAL D 63 -23.34 -0.42 -14.45
C VAL D 63 -24.71 -1.09 -14.43
N PRO D 64 -25.36 -1.24 -15.61
CA PRO D 64 -26.69 -1.86 -15.71
C PRO D 64 -26.84 -3.28 -15.14
N ASP D 65 -28.03 -3.60 -14.63
CA ASP D 65 -28.31 -4.89 -13.99
C ASP D 65 -28.20 -6.09 -14.96
N ARG D 66 -28.00 -5.79 -16.23
CA ARG D 66 -27.99 -6.77 -17.28
C ARG D 66 -26.66 -7.58 -17.28
N PHE D 67 -25.65 -7.02 -16.63
CA PHE D 67 -24.33 -7.62 -16.51
C PHE D 67 -24.15 -8.37 -15.19
N SER D 68 -23.66 -9.60 -15.28
CA SER D 68 -23.46 -10.41 -14.10
C SER D 68 -22.24 -11.34 -14.24
N GLY D 69 -21.61 -11.59 -13.10
CA GLY D 69 -20.34 -12.29 -13.09
C GLY D 69 -20.46 -13.53 -12.24
N SER D 70 -19.78 -14.58 -12.63
CA SER D 70 -19.76 -15.76 -11.81
C SER D 70 -18.46 -16.52 -12.01
N GLY D 71 -18.24 -17.47 -11.13
CA GLY D 71 -17.19 -18.44 -11.32
C GLY D 71 -16.47 -18.75 -10.03
N SER D 72 -15.51 -19.65 -10.11
CA SER D 72 -14.66 -19.95 -8.97
C SER D 72 -13.40 -20.72 -9.36
N GLY D 73 -12.32 -20.42 -8.63
CA GLY D 73 -11.06 -21.15 -8.75
C GLY D 73 -10.27 -20.71 -9.94
N THR D 74 -10.50 -21.38 -11.08
CA THR D 74 -9.85 -21.03 -12.34
C THR D 74 -10.78 -20.77 -13.51
N ASP D 75 -12.11 -20.74 -13.30
N ASP D 75 -12.09 -20.72 -13.30
CA ASP D 75 -13.06 -20.48 -14.39
CA ASP D 75 -13.03 -20.48 -14.40
C ASP D 75 -14.13 -19.46 -14.03
C ASP D 75 -14.10 -19.46 -14.02
N PHE D 76 -14.33 -18.49 -14.91
CA PHE D 76 -15.23 -17.35 -14.63
C PHE D 76 -16.03 -16.96 -15.85
N THR D 77 -17.18 -16.33 -15.63
CA THR D 77 -18.06 -15.99 -16.74
C THR D 77 -18.75 -14.63 -16.60
N LEU D 78 -18.83 -13.92 -17.70
CA LEU D 78 -19.56 -12.68 -17.76
C LEU D 78 -20.80 -12.97 -18.57
N LYS D 79 -21.95 -12.75 -17.99
CA LYS D 79 -23.19 -12.97 -18.68
C LYS D 79 -23.85 -11.63 -18.91
N ILE D 80 -24.33 -11.46 -20.13
CA ILE D 80 -25.22 -10.35 -20.44
C ILE D 80 -26.63 -10.87 -20.80
N SER D 81 -27.60 -10.52 -19.95
CA SER D 81 -28.98 -10.99 -20.08
C SER D 81 -29.65 -10.52 -21.36
N ARG D 82 -29.50 -9.25 -21.69
CA ARG D 82 -30.21 -8.69 -22.82
C ARG D 82 -29.30 -7.63 -23.46
N VAL D 83 -28.83 -7.90 -24.67
CA VAL D 83 -27.78 -7.11 -25.32
C VAL D 83 -28.37 -5.84 -25.97
N GLU D 84 -27.84 -4.67 -25.63
CA GLU D 84 -28.17 -3.41 -26.29
C GLU D 84 -27.01 -3.08 -27.24
N ALA D 85 -27.20 -2.11 -28.13
CA ALA D 85 -26.16 -1.77 -29.12
C ALA D 85 -24.93 -1.10 -28.50
N GLU D 86 -25.19 -0.30 -27.46
CA GLU D 86 -24.13 0.34 -26.69
C GLU D 86 -23.11 -0.65 -26.09
N ASP D 87 -23.54 -1.88 -25.81
CA ASP D 87 -22.68 -2.92 -25.24
C ASP D 87 -21.66 -3.54 -26.21
N LEU D 88 -21.61 -3.02 -27.41
CA LEU D 88 -20.69 -3.58 -28.37
C LEU D 88 -19.28 -3.14 -27.98
N GLY D 89 -18.29 -3.98 -28.29
CA GLY D 89 -16.90 -3.63 -28.05
C GLY D 89 -16.04 -4.80 -27.63
N VAL D 90 -14.96 -4.51 -26.90
CA VAL D 90 -14.07 -5.57 -26.44
C VAL D 90 -14.13 -5.73 -24.93
N TYR D 91 -14.30 -6.99 -24.49
CA TYR D 91 -14.39 -7.34 -23.07
C TYR D 91 -13.11 -8.06 -22.63
N TYR D 92 -12.47 -7.52 -21.59
CA TYR D 92 -11.26 -8.07 -21.05
C TYR D 92 -11.47 -8.52 -19.62
N CYS D 93 -11.01 -9.74 -19.26
CA CYS D 93 -10.94 -10.13 -17.86
C CYS D 93 -9.59 -9.76 -17.36
N PHE D 94 -9.44 -9.67 -16.06
CA PHE D 94 -8.17 -9.22 -15.43
C PHE D 94 -8.05 -9.87 -14.07
N GLN D 95 -6.88 -10.37 -13.75
CA GLN D 95 -6.54 -11.07 -12.51
C GLN D 95 -5.67 -10.12 -11.69
N GLY D 96 -6.07 -9.80 -10.46
CA GLY D 96 -5.31 -8.86 -9.65
C GLY D 96 -4.84 -9.51 -8.36
N SER D 97 -4.85 -10.82 -8.32
CA SER D 97 -4.48 -11.53 -7.12
C SER D 97 -2.99 -11.79 -7.03
N HIS D 98 -2.34 -12.06 -8.17
CA HIS D 98 -0.95 -12.55 -8.20
C HIS D 98 0.01 -11.73 -9.06
N ALA D 99 1.04 -11.14 -8.47
CA ALA D 99 2.01 -10.36 -9.25
C ALA D 99 2.82 -11.31 -10.13
N PRO D 100 3.07 -10.94 -11.40
CA PRO D 100 2.53 -9.81 -12.21
C PRO D 100 1.07 -10.00 -12.63
N TYR D 101 0.26 -8.96 -12.43
CA TYR D 101 -1.17 -8.98 -12.73
C TYR D 101 -1.36 -9.01 -14.24
N THR D 102 -2.38 -9.70 -14.74
CA THR D 102 -2.47 -9.97 -16.15
C THR D 102 -3.88 -9.90 -16.68
N PHE D 103 -4.00 -9.52 -17.94
CA PHE D 103 -5.28 -9.46 -18.64
C PHE D 103 -5.47 -10.64 -19.62
N GLY D 104 -6.73 -11.02 -19.84
CA GLY D 104 -7.06 -11.90 -20.94
C GLY D 104 -6.83 -11.13 -22.23
N GLY D 105 -6.85 -11.83 -23.36
CA GLY D 105 -6.57 -11.23 -24.67
C GLY D 105 -7.72 -10.45 -25.30
N GLY D 106 -8.90 -10.53 -24.69
CA GLY D 106 -10.07 -9.83 -25.19
C GLY D 106 -11.06 -10.72 -25.94
N THR D 107 -12.32 -10.30 -25.94
CA THR D 107 -13.38 -10.94 -26.69
C THR D 107 -14.22 -9.86 -27.36
N LYS D 108 -14.29 -9.90 -28.68
CA LYS D 108 -15.09 -8.93 -29.43
C LYS D 108 -16.54 -9.35 -29.38
N LEU D 109 -17.40 -8.46 -28.89
CA LEU D 109 -18.83 -8.67 -28.99
C LEU D 109 -19.33 -7.94 -30.23
N GLU D 110 -20.01 -8.68 -31.10
CA GLU D 110 -20.60 -8.18 -32.34
C GLU D 110 -22.13 -8.27 -32.31
N ILE D 111 -22.79 -7.17 -32.62
CA ILE D 111 -24.24 -7.14 -32.77
C ILE D 111 -24.68 -7.72 -34.13
N LYS D 112 -25.48 -8.78 -34.12
CA LYS D 112 -26.00 -9.36 -35.36
C LYS D 112 -27.27 -8.61 -35.74
N ARG D 113 -27.23 -7.97 -36.91
CA ARG D 113 -28.37 -7.27 -37.47
C ARG D 113 -28.75 -7.94 -38.81
N ALA D 114 -29.81 -7.43 -39.43
CA ALA D 114 -30.18 -7.86 -40.77
C ALA D 114 -29.05 -7.53 -41.74
N ASP D 115 -28.78 -8.42 -42.69
CA ASP D 115 -27.77 -8.19 -43.71
C ASP D 115 -28.00 -6.90 -44.48
N ALA D 116 -26.90 -6.28 -44.91
CA ALA D 116 -26.91 -5.00 -45.60
C ALA D 116 -25.82 -5.00 -46.65
N ALA D 117 -26.09 -4.39 -47.79
CA ALA D 117 -25.12 -4.35 -48.87
C ALA D 117 -24.33 -3.05 -48.80
N PRO D 118 -23.07 -3.11 -49.23
CA PRO D 118 -22.29 -1.90 -49.23
C PRO D 118 -22.81 -0.86 -50.25
N THR D 119 -22.52 0.40 -49.96
CA THR D 119 -22.66 1.50 -50.89
C THR D 119 -21.25 1.88 -51.37
N VAL D 120 -20.94 1.59 -52.65
CA VAL D 120 -19.58 1.68 -53.16
C VAL D 120 -19.37 3.00 -53.83
N SER D 121 -18.33 3.74 -53.46
CA SER D 121 -17.87 4.94 -54.18
C SER D 121 -16.43 4.73 -54.61
N ILE D 122 -16.05 5.29 -55.76
CA ILE D 122 -14.67 5.23 -56.23
C ILE D 122 -14.22 6.63 -56.59
N PHE D 123 -12.96 6.94 -56.32
CA PHE D 123 -12.43 8.29 -56.45
C PHE D 123 -11.13 8.29 -57.23
N PRO D 124 -11.07 9.00 -58.36
CA PRO D 124 -9.81 9.20 -59.05
C PRO D 124 -8.94 10.10 -58.25
N PRO D 125 -7.65 10.13 -58.53
CA PRO D 125 -6.78 11.02 -57.76
C PRO D 125 -7.00 12.49 -58.09
N SER D 126 -6.59 13.34 -57.16
CA SER D 126 -6.56 14.78 -57.36
C SER D 126 -5.44 15.23 -58.32
N SER D 127 -5.68 16.36 -58.99
CA SER D 127 -4.64 16.99 -59.79
CA SER D 127 -4.64 16.99 -59.79
C SER D 127 -3.49 17.43 -58.90
N GLU D 128 -3.82 17.88 -57.68
CA GLU D 128 -2.80 18.21 -56.67
C GLU D 128 -1.86 16.99 -56.41
N GLN D 129 -2.39 15.79 -56.31
CA GLN D 129 -1.53 14.68 -56.04
C GLN D 129 -0.63 14.29 -57.25
N LEU D 130 -1.19 14.42 -58.45
CA LEU D 130 -0.50 14.09 -59.69
C LEU D 130 0.70 14.98 -59.94
N THR D 131 0.50 16.28 -59.73
CA THR D 131 1.56 17.28 -59.82
C THR D 131 2.78 16.92 -59.01
N SER D 132 2.60 16.34 -57.84
CA SER D 132 3.74 15.89 -57.03
C SER D 132 4.19 14.43 -57.30
N GLY D 133 3.86 13.89 -58.48
CA GLY D 133 4.27 12.52 -58.87
C GLY D 133 3.58 11.28 -58.26
N GLY D 134 2.51 11.48 -57.49
CA GLY D 134 1.74 10.34 -56.94
C GLY D 134 0.37 10.21 -57.59
N ALA D 135 -0.29 9.09 -57.33
CA ALA D 135 -1.65 8.85 -57.78
C ALA D 135 -2.25 7.73 -56.93
N SER D 136 -3.07 8.12 -55.96
CA SER D 136 -3.82 7.17 -55.15
C SER D 136 -5.23 7.12 -55.70
N VAL D 137 -5.77 5.90 -55.75
CA VAL D 137 -7.15 5.66 -56.16
C VAL D 137 -7.86 5.06 -54.98
N VAL D 138 -9.01 5.63 -54.59
CA VAL D 138 -9.64 5.21 -53.35
C VAL D 138 -11.03 4.68 -53.60
N CYS D 139 -11.39 3.64 -52.88
CA CYS D 139 -12.71 3.03 -52.92
C CYS D 139 -13.31 3.02 -51.49
N PHE D 140 -14.53 3.53 -51.32
CA PHE D 140 -15.21 3.39 -50.05
C PHE D 140 -16.34 2.38 -50.19
N LEU D 141 -16.46 1.50 -49.19
CA LEU D 141 -17.53 0.53 -49.08
C LEU D 141 -18.23 0.84 -47.80
N ASN D 142 -19.30 1.60 -47.85
CA ASN D 142 -19.93 2.09 -46.64
C ASN D 142 -21.13 1.30 -46.19
N ASN D 143 -21.25 1.10 -44.85
CA ASN D 143 -22.50 0.65 -44.16
C ASN D 143 -23.07 -0.67 -44.66
N PHE D 144 -22.28 -1.71 -44.46
CA PHE D 144 -22.61 -3.08 -44.83
C PHE D 144 -22.53 -3.99 -43.58
N TYR D 145 -23.17 -5.17 -43.70
CA TYR D 145 -23.16 -6.23 -42.67
C TYR D 145 -23.41 -7.56 -43.37
N PRO D 146 -22.63 -8.61 -43.05
CA PRO D 146 -21.58 -8.77 -42.04
C PRO D 146 -20.22 -8.19 -42.45
N LYS D 147 -19.25 -8.23 -41.53
CA LYS D 147 -17.95 -7.59 -41.75
C LYS D 147 -17.10 -8.25 -42.83
N ASP D 148 -17.36 -9.53 -43.14
CA ASP D 148 -16.60 -10.28 -44.14
C ASP D 148 -16.90 -9.75 -45.56
N ILE D 149 -15.88 -9.28 -46.27
CA ILE D 149 -16.04 -8.74 -47.62
C ILE D 149 -14.75 -8.89 -48.41
N ASN D 150 -14.84 -9.22 -49.69
CA ASN D 150 -13.65 -9.25 -50.53
C ASN D 150 -13.71 -8.12 -51.54
N VAL D 151 -12.58 -7.44 -51.70
CA VAL D 151 -12.44 -6.33 -52.60
C VAL D 151 -11.28 -6.63 -53.54
N LYS D 152 -11.49 -6.43 -54.83
CA LYS D 152 -10.45 -6.65 -55.82
C LYS D 152 -10.33 -5.42 -56.72
N TRP D 153 -9.09 -5.03 -57.00
CA TRP D 153 -8.75 -4.01 -57.96
C TRP D 153 -8.43 -4.61 -59.33
N LYS D 154 -8.98 -4.03 -60.37
CA LYS D 154 -8.66 -4.43 -61.72
C LYS D 154 -8.29 -3.17 -62.46
N ILE D 155 -7.25 -3.26 -63.27
CA ILE D 155 -6.80 -2.14 -64.07
C ILE D 155 -6.73 -2.65 -65.49
N ASP D 156 -7.46 -2.03 -66.41
CA ASP D 156 -7.61 -2.61 -67.75
C ASP D 156 -7.74 -4.15 -67.69
N GLY D 157 -8.57 -4.65 -66.77
CA GLY D 157 -8.79 -6.10 -66.66
C GLY D 157 -7.86 -6.97 -65.79
N SER D 158 -6.57 -6.63 -65.58
CA SER D 158 -5.75 -7.50 -64.70
C SER D 158 -5.92 -7.12 -63.23
N GLU D 159 -5.98 -8.15 -62.37
CA GLU D 159 -6.06 -7.98 -60.92
C GLU D 159 -4.80 -7.34 -60.40
N ARG D 160 -4.88 -6.76 -59.21
CA ARG D 160 -3.71 -6.24 -58.50
C ARG D 160 -3.80 -6.50 -57.01
N GLN D 161 -2.89 -7.34 -56.48
CA GLN D 161 -2.71 -7.55 -55.03
C GLN D 161 -1.76 -6.50 -54.41
N ASN D 162 -0.81 -6.04 -55.23
CA ASN D 162 0.30 -5.21 -54.78
C ASN D 162 0.04 -3.72 -54.64
N GLY D 163 0.37 -3.18 -53.48
CA GLY D 163 0.23 -1.75 -53.22
C GLY D 163 -1.21 -1.38 -52.89
N VAL D 164 -1.91 -2.29 -52.21
CA VAL D 164 -3.32 -2.10 -51.87
C VAL D 164 -3.44 -2.09 -50.35
N LEU D 165 -3.92 -0.99 -49.79
CA LEU D 165 -4.10 -0.84 -48.35
C LEU D 165 -5.58 -0.78 -47.98
N ASN D 166 -5.97 -1.56 -46.97
CA ASN D 166 -7.37 -1.73 -46.60
C ASN D 166 -7.58 -1.43 -45.13
N SER D 167 -8.75 -0.87 -44.80
CA SER D 167 -9.04 -0.44 -43.42
C SER D 167 -10.53 -0.62 -43.12
N TRP D 168 -10.86 -1.38 -42.07
CA TRP D 168 -12.24 -1.53 -41.62
C TRP D 168 -12.58 -0.60 -40.48
N THR D 169 -13.79 -0.06 -40.39
CA THR D 169 -14.17 0.58 -39.14
C THR D 169 -14.43 -0.52 -38.11
N ASP D 170 -14.53 -0.14 -36.83
CA ASP D 170 -15.18 -0.97 -35.82
C ASP D 170 -16.71 -0.88 -36.13
N GLN D 171 -17.53 -1.73 -35.53
CA GLN D 171 -18.98 -1.71 -35.79
C GLN D 171 -19.60 -0.44 -35.22
N ASP D 172 -20.42 0.24 -36.02
CA ASP D 172 -21.09 1.49 -35.56
C ASP D 172 -22.27 1.16 -34.64
N SER D 173 -22.32 1.78 -33.47
CA SER D 173 -23.45 1.53 -32.59
C SER D 173 -24.71 2.32 -33.05
N LYS D 174 -24.59 3.34 -33.89
CA LYS D 174 -25.81 3.91 -34.52
C LYS D 174 -26.57 2.79 -35.23
N ASP D 175 -26.03 2.28 -36.34
CA ASP D 175 -26.73 1.33 -37.23
C ASP D 175 -26.29 -0.16 -37.20
N SER D 176 -25.35 -0.50 -36.31
CA SER D 176 -24.70 -1.83 -36.25
C SER D 176 -23.97 -2.29 -37.50
N THR D 177 -23.49 -1.34 -38.30
CA THR D 177 -22.84 -1.68 -39.59
C THR D 177 -21.33 -1.49 -39.55
N TYR D 178 -20.68 -1.97 -40.61
CA TYR D 178 -19.27 -1.75 -40.85
C TYR D 178 -19.07 -0.94 -42.15
N SER D 179 -17.97 -0.18 -42.23
CA SER D 179 -17.47 0.37 -43.47
C SER D 179 -16.04 -0.09 -43.68
N MET D 180 -15.57 -0.06 -44.93
CA MET D 180 -14.16 -0.24 -45.19
C MET D 180 -13.63 0.64 -46.32
N SER D 181 -12.37 1.00 -46.21
CA SER D 181 -11.68 1.78 -47.22
C SER D 181 -10.64 0.92 -47.91
N SER D 182 -10.50 1.06 -49.22
CA SER D 182 -9.44 0.36 -49.96
C SER D 182 -8.73 1.36 -50.85
N THR D 183 -7.40 1.41 -50.78
CA THR D 183 -6.60 2.39 -51.50
C THR D 183 -5.57 1.64 -52.33
N LEU D 184 -5.38 2.10 -53.57
CA LEU D 184 -4.36 1.58 -54.45
C LEU D 184 -3.42 2.72 -54.78
N THR D 185 -2.15 2.61 -54.39
CA THR D 185 -1.21 3.71 -54.58
C THR D 185 -0.22 3.40 -55.68
N LEU D 186 -0.15 4.29 -56.65
CA LEU D 186 0.74 4.17 -57.80
C LEU D 186 1.51 5.45 -58.05
N THR D 187 2.50 5.34 -58.94
CA THR D 187 3.21 6.51 -59.47
C THR D 187 2.36 7.13 -60.55
N LYS D 188 2.50 8.43 -60.80
CA LYS D 188 1.78 9.04 -61.90
C LYS D 188 2.15 8.31 -63.20
N ASP D 189 3.38 7.84 -63.32
CA ASP D 189 3.82 7.12 -64.50
C ASP D 189 3.03 5.82 -64.64
N GLU D 190 2.96 5.03 -63.59
CA GLU D 190 2.18 3.80 -63.64
C GLU D 190 0.68 4.06 -63.86
N TYR D 191 0.18 5.22 -63.42
CA TYR D 191 -1.26 5.57 -63.47
C TYR D 191 -1.67 6.01 -64.86
N GLU D 192 -0.86 6.88 -65.47
CA GLU D 192 -1.08 7.32 -66.86
C GLU D 192 -0.89 6.19 -67.90
N ARG D 193 -0.21 5.11 -67.51
CA ARG D 193 -0.01 3.93 -68.37
C ARG D 193 -1.26 3.10 -68.69
N HIS D 194 -2.40 3.44 -68.07
CA HIS D 194 -3.60 2.60 -68.13
C HIS D 194 -4.83 3.50 -68.17
N ASN D 195 -6.00 2.90 -68.41
CA ASN D 195 -7.20 3.71 -68.58
C ASN D 195 -8.41 3.36 -67.72
N SER D 196 -8.75 2.08 -67.65
CA SER D 196 -9.91 1.60 -66.94
C SER D 196 -9.50 1.17 -65.52
N TYR D 197 -10.07 1.83 -64.50
CA TYR D 197 -9.88 1.47 -63.07
C TYR D 197 -11.14 1.06 -62.36
N THR D 198 -11.08 -0.08 -61.65
CA THR D 198 -12.26 -0.73 -61.11
C THR D 198 -11.99 -1.38 -59.77
N CYS D 199 -12.86 -1.14 -58.78
CA CYS D 199 -12.96 -1.99 -57.58
C CYS D 199 -14.22 -2.85 -57.73
N GLU D 200 -14.09 -4.14 -57.47
CA GLU D 200 -15.23 -5.06 -57.42
C GLU D 200 -15.32 -5.61 -55.98
N ALA D 201 -16.51 -5.51 -55.38
CA ALA D 201 -16.72 -5.95 -54.00
C ALA D 201 -17.63 -7.16 -53.93
N THR D 202 -17.16 -8.23 -53.27
CA THR D 202 -17.97 -9.43 -53.05
C THR D 202 -18.44 -9.51 -51.61
N HIS D 203 -19.74 -9.79 -51.43
CA HIS D 203 -20.39 -9.79 -50.15
C HIS D 203 -21.60 -10.71 -50.16
N LYS D 204 -21.89 -11.37 -49.04
CA LYS D 204 -23.02 -12.34 -48.96
C LYS D 204 -24.40 -11.76 -49.31
N THR D 205 -24.50 -10.45 -49.57
CA THR D 205 -25.76 -9.84 -49.95
C THR D 205 -26.08 -9.95 -51.46
N SER D 206 -25.28 -10.72 -52.16
CA SER D 206 -25.53 -10.95 -53.57
C SER D 206 -24.65 -12.10 -54.00
N THR D 207 -25.06 -12.74 -55.08
CA THR D 207 -24.31 -13.87 -55.62
C THR D 207 -23.15 -13.36 -56.48
N SER D 208 -23.29 -12.14 -57.02
CA SER D 208 -22.30 -11.56 -57.95
C SER D 208 -21.84 -10.13 -57.54
N PRO D 209 -20.59 -9.76 -57.88
CA PRO D 209 -19.93 -8.50 -57.48
C PRO D 209 -20.74 -7.20 -57.52
N ILE D 210 -20.38 -6.25 -56.67
CA ILE D 210 -20.75 -4.84 -56.89
C ILE D 210 -19.49 -4.13 -57.39
N VAL D 211 -19.64 -3.48 -58.55
CA VAL D 211 -18.51 -2.95 -59.27
C VAL D 211 -18.69 -1.46 -59.50
N LYS D 212 -17.70 -0.68 -59.06
CA LYS D 212 -17.62 0.69 -59.50
C LYS D 212 -16.35 0.86 -60.30
N SER D 213 -16.39 1.78 -61.25
CA SER D 213 -15.38 1.86 -62.26
C SER D 213 -15.30 3.31 -62.79
N PHE D 214 -14.13 3.73 -63.27
CA PHE D 214 -14.01 4.99 -64.03
C PHE D 214 -12.89 4.91 -65.06
N ASN D 215 -12.95 5.79 -66.06
CA ASN D 215 -11.90 5.90 -67.06
C ASN D 215 -11.07 7.14 -66.83
N ARG D 216 -9.75 7.00 -66.75
CA ARG D 216 -8.88 8.16 -66.71
C ARG D 216 -9.09 9.01 -67.99
N ASN D 217 -9.88 10.08 -67.95
CA ASN D 217 -10.46 10.77 -69.18
C ASN D 217 -11.83 11.42 -68.90
#